data_8GYH
#
_entry.id   8GYH
#
_cell.length_a   201.658
_cell.length_b   201.658
_cell.length_c   56.992
_cell.angle_alpha   90.000
_cell.angle_beta   90.000
_cell.angle_gamma   120.000
#
_symmetry.space_group_name_H-M   'P 65'
#
loop_
_entity.id
_entity.type
_entity.pdbx_description
1 polymer 'DegT/DnrJ/EryC1/StrS family aminotransferase'
2 non-polymer GLYCEROL
3 non-polymer IMIDAZOLE
4 water water
#
_entity_poly.entity_id   1
_entity_poly.type   'polypeptide(L)'
_entity_poly.pdbx_seq_one_letter_code
;MSKLAAFGGPPAVPRDRRHVEWPLVEDEDRKAVIDALDGARLVSNSDGENPVSTLEEQWAGRFGFGHCVAVSTGTAALSL
ALAALGVGPGDEVIVPALSFIATGLAPVHQMAVPVFADVDPVTFNLDPDDVERRITGRTAAIIPVHLHGAPADMDRITAI
ARRHGLAVIEDAAQAPGATHRGRPVGGIGDAGAFSLQATKNIPTCGEGGLLVTGNAELAESVRRGRQFGEVIESGRERDY
VSYGLGWNHKMNALQAAFTSAQLTRFDDYESARQRNVAAFLARLAELPGLRVPTAAPDTTHAWHILRFRFDPAAFGLDGV
RPQALRSALRRLLRAEGVPMSQYQLMPLPDQKVFVDRVGFGGGYPWTVTGATGPAAGEDHPVARAVIADSLTLQKRHLHP
ESGELLHLYADAFEKVWANPDMVATLAGAASGGHHHHHH
;
_entity_poly.pdbx_strand_id   B,A
#
# COMPACT_ATOMS: atom_id res chain seq x y z
N SER A 2 -15.93 42.37 22.97
CA SER A 2 -16.28 42.85 21.60
C SER A 2 -17.38 41.97 21.00
N LYS A 3 -17.98 42.45 19.91
CA LYS A 3 -19.15 41.82 19.33
C LYS A 3 -18.74 40.53 18.63
N LEU A 4 -19.69 39.59 18.51
CA LEU A 4 -19.51 38.36 17.76
C LEU A 4 -19.26 38.70 16.29
N ALA A 5 -18.30 38.00 15.69
CA ALA A 5 -18.00 38.14 14.27
C ALA A 5 -19.24 37.81 13.43
N ALA A 6 -20.03 36.84 13.89
CA ALA A 6 -21.23 36.41 13.18
C ALA A 6 -22.24 37.55 13.05
N PHE A 7 -22.15 38.55 13.92
CA PHE A 7 -23.06 39.69 13.90
C PHE A 7 -22.32 40.99 13.64
N GLY A 8 -21.12 40.91 13.05
CA GLY A 8 -20.43 42.06 12.48
C GLY A 8 -19.18 42.47 13.25
N GLY A 9 -18.92 41.82 14.39
CA GLY A 9 -17.76 42.15 15.20
C GLY A 9 -16.46 41.66 14.60
N PRO A 10 -15.30 42.00 15.19
CA PRO A 10 -14.01 41.51 14.71
C PRO A 10 -13.83 40.04 15.08
N PRO A 11 -13.38 39.17 14.16
CA PRO A 11 -13.03 37.79 14.50
C PRO A 11 -11.93 37.72 15.56
N ALA A 12 -12.10 36.82 16.54
CA ALA A 12 -11.11 36.62 17.58
C ALA A 12 -9.78 36.17 16.99
N VAL A 13 -9.84 35.44 15.87
CA VAL A 13 -8.65 34.95 15.18
C VAL A 13 -8.49 35.69 13.86
N PRO A 14 -7.61 36.71 13.77
CA PRO A 14 -7.30 37.36 12.49
C PRO A 14 -6.83 36.33 11.46
N ARG A 15 -7.16 36.56 10.19
CA ARG A 15 -6.94 35.60 9.13
C ARG A 15 -5.45 35.29 8.95
N ASP A 16 -4.58 36.28 9.20
CA ASP A 16 -3.15 36.10 8.99
C ASP A 16 -2.55 35.18 10.08
N ARG A 17 -3.34 34.82 11.10
CA ARG A 17 -2.89 33.94 12.16
C ARG A 17 -3.40 32.51 11.97
N ARG A 18 -4.33 32.29 11.04
CA ARG A 18 -5.12 31.06 11.01
C ARG A 18 -4.32 29.88 10.45
N HIS A 19 -3.43 30.14 9.48
CA HIS A 19 -2.81 29.05 8.74
C HIS A 19 -1.72 28.38 9.58
N VAL A 20 -1.75 27.04 9.61
CA VAL A 20 -0.73 26.27 10.28
C VAL A 20 -0.17 25.23 9.30
N GLU A 21 1.16 25.26 9.14
N GLU A 21 1.15 25.22 9.12
CA GLU A 21 1.91 24.29 8.36
CA GLU A 21 1.79 24.28 8.22
C GLU A 21 1.98 22.98 9.13
C GLU A 21 2.12 22.98 8.96
N TRP A 22 1.48 21.89 8.55
CA TRP A 22 1.72 20.57 9.11
C TRP A 22 1.65 19.54 7.98
N PRO A 23 2.71 18.71 7.76
CA PRO A 23 3.89 18.66 8.62
C PRO A 23 4.75 19.93 8.58
N LEU A 24 5.58 20.07 9.63
CA LEU A 24 6.56 21.15 9.71
C LEU A 24 7.85 20.67 9.06
N VAL A 25 8.12 21.19 7.86
CA VAL A 25 9.22 20.71 7.04
C VAL A 25 10.42 21.66 7.23
N GLU A 26 11.55 21.09 7.66
CA GLU A 26 12.79 21.81 7.84
C GLU A 26 13.80 21.32 6.81
N ASP A 27 14.93 22.04 6.71
CA ASP A 27 15.97 21.70 5.75
C ASP A 27 16.45 20.26 5.97
N GLU A 28 16.51 19.82 7.24
CA GLU A 28 16.96 18.47 7.56
C GLU A 28 16.02 17.43 6.93
N ASP A 29 14.72 17.76 6.84
CA ASP A 29 13.75 16.87 6.21
C ASP A 29 14.01 16.80 4.71
N ARG A 30 14.27 17.97 4.10
CA ARG A 30 14.54 18.06 2.67
C ARG A 30 15.80 17.26 2.33
N LYS A 31 16.84 17.39 3.16
N LYS A 31 16.83 17.37 3.16
CA LYS A 31 18.11 16.72 2.93
CA LYS A 31 18.11 16.71 2.91
C LYS A 31 17.94 15.21 3.08
C LYS A 31 17.98 15.20 3.11
N ALA A 32 17.17 14.78 4.10
CA ALA A 32 16.94 13.37 4.34
C ALA A 32 16.26 12.72 3.12
N VAL A 33 15.30 13.42 2.53
CA VAL A 33 14.58 12.94 1.35
C VAL A 33 15.55 12.86 0.17
N ILE A 34 16.36 13.91 -0.03
CA ILE A 34 17.29 13.96 -1.14
C ILE A 34 18.34 12.85 -1.00
N ASP A 35 18.87 12.69 0.22
CA ASP A 35 19.83 11.64 0.50
C ASP A 35 19.23 10.27 0.20
N ALA A 36 17.93 10.11 0.46
CA ALA A 36 17.24 8.85 0.22
C ALA A 36 17.17 8.55 -1.28
N LEU A 37 16.86 9.58 -2.08
CA LEU A 37 16.81 9.45 -3.53
C LEU A 37 18.11 8.86 -4.08
N ASP A 38 19.25 9.40 -3.62
CA ASP A 38 20.53 9.14 -4.22
C ASP A 38 21.24 7.96 -3.54
N GLY A 39 20.67 7.46 -2.44
CA GLY A 39 21.21 6.30 -1.74
C GLY A 39 20.28 5.10 -1.84
N GLU A 49 22.77 0.56 5.70
CA GLU A 49 21.91 1.67 6.17
C GLU A 49 20.86 2.00 5.10
N ASN A 50 19.80 1.19 5.08
CA ASN A 50 18.60 1.47 4.30
C ASN A 50 17.66 2.31 5.17
N PRO A 51 17.05 3.40 4.64
CA PRO A 51 16.18 4.26 5.45
C PRO A 51 15.03 3.56 6.17
N VAL A 52 14.48 2.50 5.55
CA VAL A 52 13.37 1.76 6.14
C VAL A 52 13.85 1.04 7.40
N SER A 53 14.95 0.29 7.26
N SER A 53 14.96 0.30 7.30
CA SER A 53 15.59 -0.42 8.36
CA SER A 53 15.49 -0.43 8.43
C SER A 53 15.97 0.54 9.47
C SER A 53 16.00 0.54 9.51
N THR A 54 16.51 1.71 9.08
CA THR A 54 16.94 2.73 10.02
C THR A 54 15.75 3.24 10.85
N LEU A 55 14.62 3.52 10.20
CA LEU A 55 13.43 3.99 10.90
C LEU A 55 12.93 2.92 11.88
N GLU A 56 12.90 1.65 11.44
CA GLU A 56 12.46 0.54 12.27
C GLU A 56 13.25 0.52 13.57
N GLU A 57 14.59 0.64 13.46
CA GLU A 57 15.48 0.60 14.61
C GLU A 57 15.25 1.82 15.50
N GLN A 58 15.15 3.00 14.87
N GLN A 58 15.14 3.00 14.89
CA GLN A 58 14.98 4.27 15.57
CA GLN A 58 15.00 4.24 15.66
C GLN A 58 13.67 4.27 16.37
C GLN A 58 13.65 4.29 16.38
N TRP A 59 12.60 3.79 15.72
CA TRP A 59 11.26 3.79 16.32
C TRP A 59 11.21 2.82 17.50
N ALA A 60 11.74 1.61 17.30
CA ALA A 60 11.82 0.59 18.34
C ALA A 60 12.63 1.12 19.53
N GLY A 61 13.75 1.80 19.23
CA GLY A 61 14.63 2.35 20.23
C GLY A 61 13.97 3.44 21.08
N ARG A 62 13.30 4.40 20.43
CA ARG A 62 12.67 5.50 21.13
C ARG A 62 11.58 4.98 22.09
N PHE A 63 10.76 4.04 21.61
CA PHE A 63 9.54 3.66 22.31
C PHE A 63 9.69 2.31 23.03
N GLY A 64 10.89 1.72 22.98
CA GLY A 64 11.23 0.56 23.79
C GLY A 64 10.62 -0.74 23.27
N PHE A 65 10.37 -0.85 21.97
CA PHE A 65 9.74 -2.05 21.41
C PHE A 65 10.81 -3.06 21.01
N GLY A 66 10.49 -4.35 21.16
CA GLY A 66 11.40 -5.43 20.80
C GLY A 66 11.62 -5.49 19.28
N HIS A 67 10.56 -5.22 18.51
CA HIS A 67 10.61 -5.35 17.07
C HIS A 67 9.73 -4.27 16.43
N CYS A 68 10.18 -3.74 15.29
CA CYS A 68 9.41 -2.81 14.49
C CYS A 68 9.53 -3.20 13.02
N VAL A 69 8.38 -3.35 12.37
CA VAL A 69 8.32 -3.70 10.95
C VAL A 69 7.57 -2.58 10.23
N ALA A 70 8.28 -1.91 9.31
CA ALA A 70 7.71 -0.82 8.55
C ALA A 70 6.91 -1.37 7.37
N VAL A 71 5.74 -0.79 7.14
CA VAL A 71 4.83 -1.26 6.10
C VAL A 71 4.21 -0.04 5.43
N SER A 72 3.37 -0.31 4.42
CA SER A 72 2.82 0.72 3.55
C SER A 72 1.92 1.70 4.31
N THR A 73 1.06 1.16 5.20
CA THR A 73 0.03 1.95 5.85
C THR A 73 -0.28 1.37 7.23
N GLY A 74 -0.95 2.16 8.07
CA GLY A 74 -1.42 1.71 9.36
C GLY A 74 -2.45 0.59 9.23
N THR A 75 -3.22 0.62 8.13
CA THR A 75 -4.23 -0.39 7.86
C THR A 75 -3.57 -1.74 7.59
N ALA A 76 -2.53 -1.74 6.76
CA ALA A 76 -1.75 -2.92 6.47
C ALA A 76 -1.10 -3.48 7.73
N ALA A 77 -0.65 -2.59 8.63
CA ALA A 77 -0.04 -3.02 9.87
C ALA A 77 -1.06 -3.83 10.67
N LEU A 78 -2.31 -3.34 10.73
CA LEU A 78 -3.38 -4.01 11.46
C LEU A 78 -3.71 -5.37 10.85
N SER A 79 -3.87 -5.41 9.52
N SER A 79 -3.87 -5.41 9.52
CA SER A 79 -4.29 -6.62 8.83
CA SER A 79 -4.29 -6.62 8.83
C SER A 79 -3.18 -7.68 8.88
C SER A 79 -3.18 -7.68 8.86
N LEU A 80 -1.92 -7.25 8.70
CA LEU A 80 -0.80 -8.17 8.77
C LEU A 80 -0.65 -8.73 10.19
N ALA A 81 -0.96 -7.91 11.19
CA ALA A 81 -0.89 -8.34 12.58
C ALA A 81 -1.94 -9.43 12.83
N LEU A 82 -3.16 -9.21 12.33
CA LEU A 82 -4.23 -10.19 12.44
C LEU A 82 -3.79 -11.51 11.80
N ALA A 83 -3.25 -11.43 10.58
CA ALA A 83 -2.77 -12.61 9.88
C ALA A 83 -1.71 -13.33 10.71
N ALA A 84 -0.76 -12.57 11.28
CA ALA A 84 0.32 -13.15 12.06
C ALA A 84 -0.21 -13.87 13.31
N LEU A 85 -1.33 -13.36 13.86
CA LEU A 85 -1.90 -13.91 15.07
C LEU A 85 -2.91 -15.02 14.77
N GLY A 86 -3.02 -15.41 13.49
CA GLY A 86 -3.85 -16.54 13.09
C GLY A 86 -5.33 -16.20 13.03
N VAL A 87 -5.65 -14.90 12.92
CA VAL A 87 -7.03 -14.44 12.80
C VAL A 87 -7.39 -14.39 11.32
N GLY A 88 -8.56 -14.95 10.98
CA GLY A 88 -8.99 -15.03 9.59
C GLY A 88 -10.42 -15.54 9.44
N PRO A 89 -10.75 -16.23 8.33
CA PRO A 89 -12.10 -16.74 8.08
C PRO A 89 -12.69 -17.47 9.29
N GLY A 90 -13.90 -17.07 9.68
CA GLY A 90 -14.62 -17.72 10.77
C GLY A 90 -14.40 -17.03 12.11
N ASP A 91 -13.51 -16.02 12.16
CA ASP A 91 -13.17 -15.33 13.39
C ASP A 91 -13.85 -13.97 13.43
N GLU A 92 -14.13 -13.52 14.66
CA GLU A 92 -14.63 -12.18 14.93
C GLU A 92 -13.54 -11.37 15.65
N VAL A 93 -13.51 -10.07 15.33
CA VAL A 93 -12.59 -9.13 15.94
C VAL A 93 -13.42 -7.96 16.51
N ILE A 94 -13.30 -7.71 17.81
CA ILE A 94 -14.04 -6.63 18.44
C ILE A 94 -13.26 -5.31 18.25
N VAL A 95 -13.98 -4.30 17.74
CA VAL A 95 -13.42 -2.98 17.47
C VAL A 95 -14.40 -1.94 17.98
N PRO A 96 -13.99 -0.66 18.15
CA PRO A 96 -14.89 0.39 18.64
C PRO A 96 -15.87 0.87 17.59
N ALA A 97 -17.05 1.30 18.06
CA ALA A 97 -18.12 1.78 17.19
C ALA A 97 -17.84 3.22 16.73
N LEU A 98 -17.00 3.95 17.50
CA LEU A 98 -16.49 5.25 17.10
C LEU A 98 -15.00 5.12 16.83
N SER A 99 -14.62 5.38 15.57
CA SER A 99 -13.28 5.08 15.10
C SER A 99 -13.13 5.58 13.66
N PHE A 100 -11.89 5.72 13.20
CA PHE A 100 -11.61 5.82 11.78
C PHE A 100 -11.91 4.45 11.15
N ILE A 101 -12.44 4.47 9.92
CA ILE A 101 -13.00 3.29 9.29
C ILE A 101 -11.96 2.19 9.14
N ALA A 102 -10.68 2.55 9.02
CA ALA A 102 -9.61 1.58 8.82
C ALA A 102 -9.60 0.51 9.92
N THR A 103 -9.96 0.89 11.16
CA THR A 103 -9.95 -0.05 12.27
C THR A 103 -10.99 -1.15 12.05
N GLY A 104 -12.17 -0.78 11.54
CA GLY A 104 -13.23 -1.72 11.23
C GLY A 104 -12.96 -2.54 9.97
N LEU A 105 -12.20 -1.98 9.02
CA LEU A 105 -11.94 -2.64 7.75
C LEU A 105 -10.80 -3.66 7.86
N ALA A 106 -9.86 -3.43 8.76
CA ALA A 106 -8.66 -4.27 8.83
C ALA A 106 -9.05 -5.73 9.02
N PRO A 107 -10.02 -6.09 9.91
CA PRO A 107 -10.52 -7.46 9.98
C PRO A 107 -11.08 -7.99 8.65
N VAL A 108 -11.88 -7.17 7.96
CA VAL A 108 -12.47 -7.56 6.69
C VAL A 108 -11.35 -7.90 5.70
N HIS A 109 -10.30 -7.07 5.68
CA HIS A 109 -9.19 -7.24 4.77
C HIS A 109 -8.48 -8.58 4.99
N GLN A 110 -8.58 -9.13 6.20
CA GLN A 110 -7.98 -10.42 6.54
C GLN A 110 -9.07 -11.50 6.62
N MET A 111 -10.26 -11.19 6.06
CA MET A 111 -11.36 -12.12 5.90
C MET A 111 -11.98 -12.53 7.24
N ALA A 112 -11.85 -11.66 8.25
CA ALA A 112 -12.51 -11.83 9.52
C ALA A 112 -13.66 -10.82 9.63
N VAL A 113 -14.53 -11.02 10.63
CA VAL A 113 -15.72 -10.21 10.80
C VAL A 113 -15.51 -9.21 11.93
N PRO A 114 -15.65 -7.88 11.67
CA PRO A 114 -15.59 -6.88 12.73
C PRO A 114 -16.90 -6.86 13.53
N VAL A 115 -16.75 -6.81 14.86
CA VAL A 115 -17.86 -6.72 15.78
C VAL A 115 -17.69 -5.43 16.59
N PHE A 116 -18.70 -4.56 16.56
CA PHE A 116 -18.56 -3.21 17.09
C PHE A 116 -19.05 -3.13 18.54
N ALA A 117 -18.16 -2.62 19.42
CA ALA A 117 -18.49 -2.34 20.81
C ALA A 117 -18.65 -0.84 20.99
N ASP A 118 -19.57 -0.44 21.86
CA ASP A 118 -19.84 0.97 22.10
C ASP A 118 -18.66 1.58 22.86
N VAL A 119 -18.62 2.92 22.91
CA VAL A 119 -17.52 3.64 23.52
C VAL A 119 -17.98 4.29 24.82
N ASP A 120 -16.99 4.75 25.60
CA ASP A 120 -17.20 5.46 26.85
C ASP A 120 -17.58 6.91 26.54
N PRO A 121 -18.53 7.51 27.29
CA PRO A 121 -18.99 8.88 27.01
C PRO A 121 -17.96 9.99 27.27
N VAL A 122 -16.91 9.68 28.04
CA VAL A 122 -15.90 10.67 28.39
C VAL A 122 -14.61 10.39 27.61
N THR A 123 -14.20 9.11 27.55
CA THR A 123 -12.91 8.77 26.95
C THR A 123 -13.01 8.59 25.44
N PHE A 124 -14.22 8.27 24.94
CA PHE A 124 -14.49 8.04 23.53
C PHE A 124 -13.81 6.75 23.05
N ASN A 125 -13.33 5.93 24.00
CA ASN A 125 -12.64 4.69 23.67
C ASN A 125 -13.58 3.53 23.96
N LEU A 126 -13.28 2.35 23.39
CA LEU A 126 -14.19 1.22 23.47
C LEU A 126 -14.38 0.84 24.94
N ASP A 127 -15.65 0.72 25.34
CA ASP A 127 -16.02 0.54 26.73
C ASP A 127 -15.89 -0.93 27.07
N PRO A 128 -14.98 -1.33 28.00
CA PRO A 128 -14.81 -2.73 28.36
C PRO A 128 -16.11 -3.42 28.81
N ASP A 129 -17.03 -2.65 29.41
CA ASP A 129 -18.33 -3.18 29.81
C ASP A 129 -19.09 -3.70 28.60
N ASP A 130 -18.96 -3.03 27.45
CA ASP A 130 -19.67 -3.43 26.26
C ASP A 130 -18.89 -4.49 25.49
N VAL A 131 -17.54 -4.47 25.58
CA VAL A 131 -16.72 -5.48 24.95
C VAL A 131 -17.13 -6.85 25.45
N GLU A 132 -17.25 -6.97 26.79
CA GLU A 132 -17.58 -8.22 27.44
C GLU A 132 -18.86 -8.83 26.85
N ARG A 133 -19.85 -7.97 26.58
CA ARG A 133 -21.14 -8.41 26.04
C ARG A 133 -21.01 -8.95 24.61
N ARG A 134 -20.04 -8.42 23.84
CA ARG A 134 -19.93 -8.68 22.41
C ARG A 134 -19.18 -9.97 22.12
N ILE A 135 -18.51 -10.55 23.13
CA ILE A 135 -17.74 -11.76 22.93
C ILE A 135 -18.67 -12.92 22.62
N THR A 136 -18.26 -13.75 21.65
CA THR A 136 -18.93 -14.97 21.26
C THR A 136 -17.90 -16.08 21.15
N GLY A 137 -18.35 -17.27 20.75
CA GLY A 137 -17.45 -18.40 20.50
C GLY A 137 -16.52 -18.17 19.31
N ARG A 138 -16.82 -17.18 18.46
CA ARG A 138 -16.02 -16.89 17.29
C ARG A 138 -14.98 -15.78 17.56
N THR A 139 -15.10 -15.05 18.67
CA THR A 139 -14.17 -13.95 18.93
C THR A 139 -12.73 -14.48 19.01
N ALA A 140 -11.81 -13.79 18.32
CA ALA A 140 -10.40 -14.19 18.29
C ALA A 140 -9.47 -13.06 18.75
N ALA A 141 -9.94 -11.81 18.68
CA ALA A 141 -9.09 -10.66 18.96
C ALA A 141 -9.91 -9.41 19.29
N ILE A 142 -9.23 -8.44 19.90
CA ILE A 142 -9.75 -7.12 20.17
C ILE A 142 -8.74 -6.12 19.60
N ILE A 143 -9.24 -5.10 18.89
CA ILE A 143 -8.43 -3.96 18.50
C ILE A 143 -8.92 -2.73 19.26
N PRO A 144 -8.36 -2.45 20.46
CA PRO A 144 -8.58 -1.16 21.11
C PRO A 144 -7.92 -0.05 20.29
N VAL A 145 -8.61 1.08 20.16
CA VAL A 145 -8.05 2.26 19.52
C VAL A 145 -7.74 3.28 20.62
N HIS A 146 -6.58 3.92 20.52
CA HIS A 146 -6.27 5.05 21.38
C HIS A 146 -6.78 6.32 20.69
N LEU A 147 -8.10 6.49 20.67
CA LEU A 147 -8.74 7.43 19.77
C LEU A 147 -8.42 8.86 20.21
N HIS A 148 -8.10 9.70 19.21
CA HIS A 148 -7.81 11.12 19.40
C HIS A 148 -6.48 11.35 20.11
N GLY A 149 -5.80 10.27 20.54
CA GLY A 149 -4.58 10.38 21.31
C GLY A 149 -4.70 9.90 22.76
N ALA A 150 -5.91 9.49 23.18
CA ALA A 150 -6.13 9.00 24.53
C ALA A 150 -5.95 7.48 24.58
N PRO A 151 -4.97 6.94 25.34
CA PRO A 151 -4.90 5.51 25.59
C PRO A 151 -6.20 4.95 26.14
N ALA A 152 -6.65 3.84 25.54
CA ALA A 152 -7.81 3.08 25.98
C ALA A 152 -7.52 2.45 27.35
N ASP A 153 -8.57 1.86 27.93
CA ASP A 153 -8.48 1.19 29.23
C ASP A 153 -7.78 -0.16 29.04
N MET A 154 -6.44 -0.13 29.00
CA MET A 154 -5.67 -1.30 28.64
C MET A 154 -5.66 -2.32 29.78
N ASP A 155 -5.85 -1.87 31.02
CA ASP A 155 -6.02 -2.79 32.14
C ASP A 155 -7.14 -3.78 31.82
N ARG A 156 -8.32 -3.24 31.49
CA ARG A 156 -9.50 -4.06 31.34
C ARG A 156 -9.50 -4.75 29.97
N ILE A 157 -8.98 -4.10 28.93
CA ILE A 157 -8.97 -4.71 27.60
C ILE A 157 -8.05 -5.92 27.60
N THR A 158 -6.85 -5.79 28.19
CA THR A 158 -5.91 -6.90 28.26
C THR A 158 -6.43 -7.98 29.21
N ALA A 159 -7.09 -7.58 30.32
CA ALA A 159 -7.64 -8.57 31.24
C ALA A 159 -8.73 -9.39 30.56
N ILE A 160 -9.63 -8.71 29.83
CA ILE A 160 -10.69 -9.38 29.09
C ILE A 160 -10.08 -10.37 28.12
N ALA A 161 -9.10 -9.90 27.33
CA ALA A 161 -8.45 -10.73 26.33
C ALA A 161 -7.83 -11.99 26.95
N ARG A 162 -7.10 -11.81 28.06
N ARG A 162 -7.07 -11.78 28.05
CA ARG A 162 -6.41 -12.93 28.68
CA ARG A 162 -6.38 -12.87 28.73
C ARG A 162 -7.38 -13.86 29.39
C ARG A 162 -7.41 -13.85 29.31
N ARG A 163 -8.51 -13.33 29.86
CA ARG A 163 -9.54 -14.14 30.48
C ARG A 163 -10.24 -15.05 29.46
N HIS A 164 -10.29 -14.60 28.20
CA HIS A 164 -11.06 -15.27 27.15
C HIS A 164 -10.15 -15.90 26.10
N GLY A 165 -8.83 -15.78 26.26
CA GLY A 165 -7.87 -16.35 25.32
C GLY A 165 -7.84 -15.63 23.96
N LEU A 166 -7.99 -14.29 23.98
CA LEU A 166 -8.02 -13.48 22.77
C LEU A 166 -6.69 -12.76 22.58
N ALA A 167 -6.40 -12.42 21.32
CA ALA A 167 -5.28 -11.55 20.99
C ALA A 167 -5.70 -10.08 21.15
N VAL A 168 -4.72 -9.21 21.37
CA VAL A 168 -4.94 -7.77 21.41
C VAL A 168 -3.95 -7.12 20.44
N ILE A 169 -4.50 -6.31 19.52
CA ILE A 169 -3.70 -5.46 18.64
C ILE A 169 -4.12 -4.03 18.91
N GLU A 170 -3.19 -3.19 19.38
CA GLU A 170 -3.47 -1.78 19.60
C GLU A 170 -3.42 -1.02 18.28
N ASP A 171 -4.46 -0.22 18.02
CA ASP A 171 -4.41 0.78 16.98
C ASP A 171 -3.95 2.08 17.64
N ALA A 172 -2.63 2.34 17.57
CA ALA A 172 -2.00 3.46 18.25
C ALA A 172 -1.74 4.61 17.27
N ALA A 173 -2.43 4.60 16.11
CA ALA A 173 -2.15 5.56 15.05
C ALA A 173 -2.24 6.99 15.56
N GLN A 174 -3.20 7.27 16.44
CA GLN A 174 -3.49 8.63 16.86
C GLN A 174 -2.79 8.97 18.18
N ALA A 175 -1.93 8.09 18.72
CA ALA A 175 -1.41 8.30 20.07
C ALA A 175 0.08 7.99 20.21
N PRO A 176 0.96 8.34 19.23
CA PRO A 176 2.38 8.08 19.41
C PRO A 176 2.90 8.85 20.62
N GLY A 177 3.71 8.18 21.45
CA GLY A 177 4.33 8.83 22.61
C GLY A 177 3.46 8.80 23.87
N ALA A 178 2.17 8.45 23.73
CA ALA A 178 1.30 8.35 24.88
C ALA A 178 1.68 7.11 25.69
N THR A 179 1.43 7.14 27.01
CA THR A 179 1.77 6.02 27.86
C THR A 179 0.53 5.55 28.63
N HIS A 180 0.56 4.29 29.01
CA HIS A 180 -0.41 3.69 29.92
C HIS A 180 0.38 2.96 31.00
N ARG A 181 0.23 3.41 32.25
CA ARG A 181 1.05 2.92 33.36
C ARG A 181 2.53 3.00 33.01
N GLY A 182 2.92 4.11 32.35
CA GLY A 182 4.31 4.39 32.04
C GLY A 182 4.86 3.58 30.87
N ARG A 183 3.98 2.84 30.19
CA ARG A 183 4.35 1.99 29.08
C ARG A 183 3.93 2.67 27.77
N PRO A 184 4.85 2.88 26.80
CA PRO A 184 4.48 3.39 25.48
C PRO A 184 3.38 2.56 24.82
N VAL A 185 2.31 3.23 24.38
CA VAL A 185 1.24 2.55 23.67
C VAL A 185 1.82 1.91 22.41
N GLY A 186 1.23 0.78 22.02
CA GLY A 186 1.72 -0.04 20.93
C GLY A 186 2.42 -1.30 21.44
N GLY A 187 3.01 -1.21 22.64
CA GLY A 187 3.86 -2.28 23.15
C GLY A 187 3.16 -3.13 24.23
N ILE A 188 1.88 -2.87 24.48
CA ILE A 188 1.15 -3.52 25.56
C ILE A 188 0.41 -4.76 25.02
N GLY A 189 -0.27 -4.58 23.88
CA GLY A 189 -0.91 -5.70 23.21
C GLY A 189 0.12 -6.66 22.61
N ASP A 190 -0.39 -7.72 21.98
CA ASP A 190 0.43 -8.68 21.25
C ASP A 190 1.22 -7.94 20.17
N ALA A 191 0.57 -6.93 19.57
CA ALA A 191 1.19 -6.08 18.58
C ALA A 191 0.51 -4.71 18.62
N GLY A 192 1.17 -3.71 18.02
CA GLY A 192 0.65 -2.37 17.91
C GLY A 192 0.89 -1.79 16.52
N ALA A 193 -0.10 -1.05 16.01
CA ALA A 193 -0.03 -0.46 14.68
C ALA A 193 0.02 1.06 14.79
N PHE A 194 0.85 1.67 13.95
CA PHE A 194 0.93 3.11 13.80
C PHE A 194 0.71 3.47 12.33
N SER A 195 0.01 4.59 12.11
CA SER A 195 -0.17 5.17 10.80
C SER A 195 0.68 6.43 10.69
N LEU A 196 1.45 6.51 9.59
CA LEU A 196 2.18 7.72 9.24
C LEU A 196 1.47 8.36 8.05
N GLN A 197 0.94 9.56 8.27
CA GLN A 197 0.40 10.38 7.20
C GLN A 197 0.87 11.81 7.43
N ALA A 198 0.63 12.68 6.46
CA ALA A 198 0.93 14.09 6.60
C ALA A 198 0.25 14.67 7.84
N THR A 199 -0.89 14.09 8.24
CA THR A 199 -1.76 14.66 9.26
C THR A 199 -1.42 14.16 10.68
N LYS A 200 -0.54 13.16 10.80
CA LYS A 200 -0.34 12.48 12.07
C LYS A 200 0.66 13.23 12.95
N ASN A 201 0.71 12.85 14.23
CA ASN A 201 1.50 13.56 15.23
C ASN A 201 2.99 13.42 14.90
N ILE A 202 3.41 12.23 14.46
CA ILE A 202 4.72 12.04 13.86
C ILE A 202 4.50 11.70 12.38
N PRO A 203 4.48 12.71 11.49
CA PRO A 203 4.03 12.49 10.12
C PRO A 203 5.10 11.91 9.19
N THR A 204 4.65 11.41 8.04
CA THR A 204 5.52 11.22 6.89
C THR A 204 4.99 12.10 5.75
N CYS A 205 5.82 12.29 4.73
CA CYS A 205 5.46 13.06 3.56
C CYS A 205 4.72 12.15 2.58
N GLY A 206 3.50 11.77 2.97
CA GLY A 206 2.70 10.80 2.22
C GLY A 206 2.12 9.72 3.11
N GLU A 207 2.38 8.46 2.78
CA GLU A 207 1.80 7.32 3.47
C GLU A 207 2.91 6.47 4.11
N GLY A 208 2.56 5.78 5.19
CA GLY A 208 3.47 4.89 5.89
C GLY A 208 2.77 4.18 7.03
N GLY A 209 3.36 3.08 7.48
CA GLY A 209 2.85 2.35 8.63
C GLY A 209 3.96 1.63 9.38
N LEU A 210 3.71 1.37 10.66
CA LEU A 210 4.65 0.63 11.49
C LEU A 210 3.88 -0.39 12.32
N LEU A 211 4.41 -1.62 12.36
CA LEU A 211 3.90 -2.69 13.21
C LEU A 211 4.96 -2.99 14.25
N VAL A 212 4.60 -2.86 15.54
CA VAL A 212 5.52 -3.15 16.62
C VAL A 212 4.98 -4.33 17.43
N THR A 213 5.92 -5.06 18.05
CA THR A 213 5.61 -6.24 18.83
C THR A 213 6.84 -6.63 19.64
N GLY A 214 6.60 -7.39 20.72
CA GLY A 214 7.67 -8.02 21.48
C GLY A 214 7.99 -9.43 20.99
N ASN A 215 7.17 -9.96 20.08
CA ASN A 215 7.25 -11.34 19.65
C ASN A 215 7.95 -11.43 18.30
N ALA A 216 9.11 -12.11 18.29
CA ALA A 216 9.97 -12.20 17.11
C ALA A 216 9.27 -12.91 15.96
N GLU A 217 8.53 -13.98 16.25
CA GLU A 217 7.86 -14.76 15.20
C GLU A 217 6.75 -13.92 14.55
N LEU A 218 6.04 -13.13 15.36
CA LEU A 218 4.99 -12.26 14.86
C LEU A 218 5.61 -11.22 13.92
N ALA A 219 6.76 -10.65 14.33
CA ALA A 219 7.46 -9.67 13.52
C ALA A 219 7.88 -10.29 12.18
N GLU A 220 8.39 -11.52 12.23
CA GLU A 220 8.87 -12.20 11.03
C GLU A 220 7.71 -12.45 10.06
N SER A 221 6.56 -12.85 10.61
CA SER A 221 5.35 -13.07 9.82
C SER A 221 4.99 -11.80 9.05
N VAL A 222 4.98 -10.67 9.75
CA VAL A 222 4.60 -9.40 9.15
C VAL A 222 5.64 -8.99 8.10
N ARG A 223 6.92 -9.22 8.44
N ARG A 223 6.92 -9.26 8.40
CA ARG A 223 8.06 -8.91 7.59
CA ARG A 223 8.02 -8.85 7.54
C ARG A 223 7.92 -9.63 6.24
C ARG A 223 8.02 -9.65 6.25
N ARG A 224 7.53 -10.91 6.29
CA ARG A 224 7.32 -11.69 5.08
C ARG A 224 6.05 -11.24 4.36
N GLY A 225 5.00 -10.97 5.13
CA GLY A 225 3.69 -10.67 4.59
C GLY A 225 3.64 -9.36 3.80
N ARG A 226 4.52 -8.41 4.15
CA ARG A 226 4.55 -7.11 3.50
C ARG A 226 5.20 -7.17 2.11
N GLN A 227 5.85 -8.30 1.80
CA GLN A 227 6.68 -8.41 0.61
C GLN A 227 6.47 -9.77 -0.05
N PHE A 228 5.20 -10.12 -0.31
CA PHE A 228 4.80 -11.26 -1.14
C PHE A 228 5.14 -12.60 -0.49
N GLY A 229 5.43 -12.60 0.82
CA GLY A 229 5.80 -13.81 1.53
C GLY A 229 7.29 -14.15 1.40
N GLU A 230 8.08 -13.22 0.84
CA GLU A 230 9.48 -13.47 0.57
C GLU A 230 10.34 -13.10 1.78
N VAL A 231 11.57 -13.63 1.79
CA VAL A 231 12.60 -13.26 2.74
C VAL A 231 13.69 -12.50 2.00
N ILE A 232 13.79 -11.19 2.27
CA ILE A 232 14.78 -10.32 1.63
C ILE A 232 16.02 -10.25 2.53
N GLU A 233 17.19 -10.05 1.91
CA GLU A 233 18.45 -9.94 2.64
C GLU A 233 19.40 -9.01 1.91
N SER A 234 20.45 -8.57 2.62
CA SER A 234 21.55 -7.83 2.03
C SER A 234 22.49 -8.79 1.31
N GLY A 235 22.64 -10.01 1.85
CA GLY A 235 23.56 -11.00 1.32
C GLY A 235 23.11 -11.58 -0.02
N ARG A 236 22.07 -12.44 0.01
CA ARG A 236 21.72 -13.28 -1.12
C ARG A 236 20.92 -12.48 -2.16
N GLU A 237 21.08 -12.88 -3.43
CA GLU A 237 20.30 -12.37 -4.55
C GLU A 237 18.83 -12.78 -4.35
N ARG A 238 17.91 -11.96 -4.87
CA ARG A 238 16.49 -12.21 -4.73
C ARG A 238 16.08 -13.41 -5.59
N ASP A 239 15.54 -14.45 -4.94
CA ASP A 239 15.25 -15.72 -5.58
C ASP A 239 13.75 -15.87 -5.84
N TYR A 240 12.93 -14.95 -5.30
CA TYR A 240 11.50 -14.88 -5.55
C TYR A 240 10.75 -16.06 -4.93
N VAL A 241 11.35 -16.69 -3.91
CA VAL A 241 10.70 -17.79 -3.20
C VAL A 241 9.79 -17.20 -2.12
N SER A 242 8.50 -17.55 -2.20
CA SER A 242 7.48 -17.06 -1.27
C SER A 242 7.07 -18.20 -0.33
N TYR A 243 6.93 -17.87 0.97
CA TYR A 243 6.75 -18.88 2.01
C TYR A 243 5.31 -18.86 2.54
N GLY A 244 4.42 -18.11 1.88
CA GLY A 244 3.02 -18.03 2.30
C GLY A 244 2.33 -16.85 1.62
N LEU A 245 1.08 -16.55 2.04
CA LEU A 245 0.31 -15.48 1.45
C LEU A 245 0.88 -14.13 1.87
N GLY A 246 1.29 -13.33 0.89
CA GLY A 246 1.80 -11.99 1.13
C GLY A 246 1.14 -10.96 0.22
N TRP A 247 1.45 -9.69 0.49
CA TRP A 247 1.01 -8.53 -0.28
C TRP A 247 2.22 -7.70 -0.66
N ASN A 248 1.98 -6.62 -1.42
CA ASN A 248 2.94 -5.54 -1.51
C ASN A 248 2.52 -4.45 -0.52
N HIS A 249 3.03 -4.56 0.71
CA HIS A 249 2.79 -3.57 1.73
C HIS A 249 4.11 -2.96 2.19
N LYS A 250 5.00 -2.63 1.23
CA LYS A 250 6.29 -2.05 1.56
C LYS A 250 6.14 -0.56 1.83
N MET A 251 6.91 -0.06 2.81
CA MET A 251 7.04 1.37 3.01
C MET A 251 8.11 1.89 2.04
N ASN A 252 7.91 3.14 1.60
CA ASN A 252 8.84 3.83 0.71
C ASN A 252 10.00 4.41 1.52
N ALA A 253 11.22 4.30 0.98
CA ALA A 253 12.43 4.74 1.65
C ALA A 253 12.42 6.25 1.90
N LEU A 254 11.93 7.03 0.93
CA LEU A 254 11.90 8.49 1.07
C LEU A 254 11.07 8.89 2.28
N GLN A 255 9.90 8.25 2.40
CA GLN A 255 8.97 8.52 3.49
C GLN A 255 9.60 8.11 4.82
N ALA A 256 10.33 6.98 4.82
CA ALA A 256 10.99 6.50 6.02
C ALA A 256 12.05 7.51 6.50
N ALA A 257 12.86 8.01 5.56
CA ALA A 257 13.90 8.99 5.87
C ALA A 257 13.30 10.26 6.46
N PHE A 258 12.20 10.72 5.86
CA PHE A 258 11.50 11.91 6.34
C PHE A 258 11.04 11.70 7.77
N THR A 259 10.44 10.54 8.05
CA THR A 259 9.89 10.27 9.36
C THR A 259 11.02 10.15 10.39
N SER A 260 12.16 9.57 10.00
CA SER A 260 13.33 9.51 10.86
C SER A 260 13.73 10.91 11.32
N ALA A 261 13.75 11.87 10.39
CA ALA A 261 14.11 13.24 10.72
C ALA A 261 13.10 13.85 11.68
N GLN A 262 11.81 13.62 11.40
CA GLN A 262 10.73 14.12 12.25
C GLN A 262 10.84 13.53 13.66
N LEU A 263 11.21 12.25 13.75
CA LEU A 263 11.27 11.54 15.02
C LEU A 263 12.36 12.13 15.92
N THR A 264 13.46 12.61 15.34
CA THR A 264 14.54 13.18 16.14
C THR A 264 14.08 14.46 16.84
N ARG A 265 13.07 15.15 16.27
CA ARG A 265 12.55 16.38 16.85
C ARG A 265 11.26 16.15 17.63
N PHE A 266 10.78 14.90 17.69
CA PHE A 266 9.43 14.60 18.17
C PHE A 266 9.18 15.17 19.56
N ASP A 267 10.10 14.90 20.50
CA ASP A 267 9.84 15.22 21.90
C ASP A 267 9.97 16.72 22.15
N ASP A 268 10.77 17.41 21.33
CA ASP A 268 10.81 18.87 21.35
C ASP A 268 9.42 19.40 20.99
N TYR A 269 8.84 18.87 19.91
CA TYR A 269 7.50 19.28 19.48
C TYR A 269 6.45 18.88 20.53
N GLU A 270 6.58 17.66 21.09
CA GLU A 270 5.71 17.18 22.15
C GLU A 270 5.63 18.18 23.31
N SER A 271 6.79 18.66 23.77
N SER A 271 6.79 18.64 23.78
CA SER A 271 6.88 19.55 24.91
CA SER A 271 6.88 19.56 24.90
C SER A 271 6.06 20.82 24.68
C SER A 271 6.03 20.79 24.66
N ALA A 272 6.21 21.42 23.49
CA ALA A 272 5.48 22.63 23.14
C ALA A 272 3.98 22.34 23.01
N ARG A 273 3.66 21.28 22.26
CA ARG A 273 2.29 20.88 21.99
C ARG A 273 1.54 20.64 23.30
N GLN A 274 2.17 19.93 24.23
CA GLN A 274 1.53 19.54 25.48
C GLN A 274 1.29 20.77 26.36
N ARG A 275 2.25 21.70 26.38
CA ARG A 275 2.10 22.95 27.11
C ARG A 275 0.94 23.75 26.53
N ASN A 276 0.93 23.88 25.20
CA ASN A 276 -0.03 24.71 24.49
C ASN A 276 -1.45 24.18 24.70
N VAL A 277 -1.65 22.88 24.54
CA VAL A 277 -2.97 22.28 24.65
C VAL A 277 -3.48 22.40 26.09
N ALA A 278 -2.61 22.13 27.07
CA ALA A 278 -3.00 22.20 28.47
C ALA A 278 -3.50 23.60 28.82
N ALA A 279 -2.80 24.65 28.37
CA ALA A 279 -3.20 26.03 28.65
C ALA A 279 -4.54 26.34 27.99
N PHE A 280 -4.74 25.83 26.78
CA PHE A 280 -5.95 26.03 26.00
C PHE A 280 -7.15 25.39 26.70
N LEU A 281 -7.01 24.12 27.07
CA LEU A 281 -8.09 23.36 27.70
C LEU A 281 -8.42 23.93 29.08
N ALA A 282 -7.43 24.47 29.79
CA ALA A 282 -7.67 25.03 31.11
C ALA A 282 -8.61 26.23 31.02
N ARG A 283 -8.49 27.03 29.95
CA ARG A 283 -9.38 28.15 29.74
C ARG A 283 -10.79 27.68 29.39
N LEU A 284 -10.90 26.69 28.50
CA LEU A 284 -12.19 26.19 28.07
C LEU A 284 -12.91 25.42 29.18
N ALA A 285 -12.13 24.78 30.07
CA ALA A 285 -12.71 23.98 31.16
C ALA A 285 -13.53 24.85 32.11
N GLU A 286 -13.31 26.17 32.10
CA GLU A 286 -14.04 27.08 32.99
C GLU A 286 -15.42 27.42 32.41
N LEU A 287 -15.68 27.07 31.15
CA LEU A 287 -16.91 27.48 30.49
C LEU A 287 -18.03 26.47 30.76
N PRO A 288 -19.18 26.90 31.33
CA PRO A 288 -20.26 25.97 31.69
C PRO A 288 -20.81 25.21 30.49
N GLY A 289 -20.94 23.88 30.65
CA GLY A 289 -21.54 23.03 29.62
C GLY A 289 -20.55 22.62 28.54
N LEU A 290 -19.26 22.92 28.73
CA LEU A 290 -18.20 22.54 27.81
C LEU A 290 -17.32 21.51 28.51
N ARG A 291 -17.29 20.29 27.96
CA ARG A 291 -16.44 19.23 28.52
C ARG A 291 -15.18 19.13 27.69
N VAL A 292 -14.04 19.52 28.28
CA VAL A 292 -12.76 19.37 27.62
C VAL A 292 -12.37 17.90 27.67
N PRO A 293 -11.63 17.40 26.65
CA PRO A 293 -11.13 16.03 26.66
C PRO A 293 -10.06 15.85 27.74
N THR A 294 -9.91 14.60 28.20
CA THR A 294 -9.03 14.28 29.31
C THR A 294 -8.31 12.95 29.04
N ALA A 295 -7.12 12.83 29.62
CA ALA A 295 -6.46 11.55 29.80
C ALA A 295 -7.14 10.80 30.94
N ALA A 296 -7.40 9.51 30.73
CA ALA A 296 -7.91 8.63 31.79
C ALA A 296 -6.81 8.40 32.82
N PRO A 297 -7.14 7.86 34.01
CA PRO A 297 -6.12 7.58 35.04
C PRO A 297 -4.96 6.72 34.54
N ASP A 298 -3.75 7.08 34.97
CA ASP A 298 -2.52 6.36 34.67
C ASP A 298 -2.20 6.40 33.17
N THR A 299 -2.65 7.46 32.48
CA THR A 299 -2.30 7.64 31.08
C THR A 299 -1.88 9.08 30.81
N THR A 300 -1.21 9.28 29.67
CA THR A 300 -1.06 10.60 29.09
C THR A 300 -1.76 10.62 27.73
N HIS A 301 -2.12 11.83 27.27
CA HIS A 301 -2.85 12.03 26.04
C HIS A 301 -1.91 12.63 24.99
N ALA A 302 -1.99 12.15 23.74
CA ALA A 302 -1.17 12.65 22.65
C ALA A 302 -1.78 13.89 21.98
N TRP A 303 -3.07 14.15 22.24
CA TRP A 303 -3.78 15.32 21.72
C TRP A 303 -3.75 15.38 20.19
N HIS A 304 -3.93 14.25 19.52
CA HIS A 304 -3.98 14.24 18.06
C HIS A 304 -5.19 15.04 17.57
N ILE A 305 -6.35 14.78 18.21
CA ILE A 305 -7.59 15.49 17.94
C ILE A 305 -8.19 15.90 19.27
N LEU A 306 -8.71 17.12 19.36
CA LEU A 306 -9.40 17.59 20.55
C LEU A 306 -10.91 17.52 20.32
N ARG A 307 -11.60 16.63 21.05
CA ARG A 307 -13.05 16.55 20.95
C ARG A 307 -13.70 17.13 22.20
N PHE A 308 -14.64 18.06 21.98
CA PHE A 308 -15.37 18.72 23.05
C PHE A 308 -16.85 18.31 22.97
N ARG A 309 -17.46 18.06 24.14
CA ARG A 309 -18.90 17.82 24.22
C ARG A 309 -19.56 19.04 24.85
N PHE A 310 -20.76 19.38 24.34
CA PHE A 310 -21.48 20.58 24.77
C PHE A 310 -22.85 20.18 25.30
N ASP A 311 -23.20 20.74 26.47
CA ASP A 311 -24.43 20.41 27.17
C ASP A 311 -25.49 21.46 26.88
N PRO A 312 -26.61 21.12 26.18
CA PRO A 312 -27.70 22.06 25.94
C PRO A 312 -28.28 22.71 27.19
N ALA A 313 -28.24 22.01 28.33
CA ALA A 313 -28.78 22.52 29.58
C ALA A 313 -28.07 23.81 29.99
N ALA A 314 -26.79 23.94 29.64
CA ALA A 314 -26.00 25.12 29.98
C ALA A 314 -26.54 26.37 29.28
N PHE A 315 -27.25 26.19 28.15
CA PHE A 315 -27.78 27.30 27.37
C PHE A 315 -29.30 27.37 27.49
N GLY A 316 -29.87 26.61 28.43
CA GLY A 316 -31.31 26.57 28.64
C GLY A 316 -32.06 25.90 27.49
N LEU A 317 -31.38 24.96 26.81
CA LEU A 317 -31.93 24.29 25.64
C LEU A 317 -32.33 22.86 25.97
N ASP A 318 -32.74 22.65 27.23
CA ASP A 318 -33.15 21.33 27.69
C ASP A 318 -34.26 20.81 26.78
N GLY A 319 -34.08 19.58 26.28
CA GLY A 319 -35.10 18.94 25.47
C GLY A 319 -34.97 19.26 23.98
N VAL A 320 -34.07 20.17 23.61
CA VAL A 320 -33.78 20.46 22.21
C VAL A 320 -32.65 19.54 21.76
N ARG A 321 -32.77 19.00 20.53
CA ARG A 321 -31.77 18.13 19.93
C ARG A 321 -30.38 18.73 20.14
N PRO A 322 -29.40 17.98 20.70
CA PRO A 322 -28.05 18.49 20.90
C PRO A 322 -27.38 18.96 19.61
N GLN A 323 -27.76 18.35 18.48
CA GLN A 323 -27.22 18.70 17.17
C GLN A 323 -27.50 20.17 16.83
N ALA A 324 -28.59 20.72 17.39
CA ALA A 324 -28.94 22.12 17.15
C ALA A 324 -27.91 23.04 17.81
N LEU A 325 -27.54 22.73 19.05
CA LEU A 325 -26.49 23.47 19.74
C LEU A 325 -25.16 23.28 19.03
N ARG A 326 -24.84 22.02 18.68
CA ARG A 326 -23.61 21.70 17.96
C ARG A 326 -23.46 22.61 16.73
N SER A 327 -24.55 22.75 15.95
N SER A 327 -24.55 22.73 15.95
CA SER A 327 -24.52 23.50 14.71
CA SER A 327 -24.57 23.50 14.73
C SER A 327 -24.35 25.00 14.98
C SER A 327 -24.34 24.98 15.00
N ALA A 328 -25.04 25.51 16.01
CA ALA A 328 -24.96 26.92 16.36
C ALA A 328 -23.54 27.28 16.82
N LEU A 329 -22.95 26.43 17.66
CA LEU A 329 -21.61 26.66 18.17
C LEU A 329 -20.59 26.60 17.02
N ARG A 330 -20.77 25.63 16.11
CA ARG A 330 -19.88 25.49 14.98
C ARG A 330 -19.90 26.75 14.14
N ARG A 331 -21.11 27.29 13.90
CA ARG A 331 -21.27 28.46 13.06
C ARG A 331 -20.61 29.67 13.72
N LEU A 332 -20.92 29.91 15.00
CA LEU A 332 -20.41 31.07 15.70
C LEU A 332 -18.88 31.00 15.83
N LEU A 333 -18.34 29.81 16.11
CA LEU A 333 -16.91 29.67 16.34
C LEU A 333 -16.12 29.80 15.03
N ARG A 334 -16.66 29.27 13.93
N ARG A 334 -16.65 29.22 13.94
CA ARG A 334 -16.00 29.38 12.65
CA ARG A 334 -16.05 29.37 12.62
C ARG A 334 -16.01 30.83 12.16
C ARG A 334 -15.97 30.84 12.23
N ALA A 335 -17.03 31.61 12.55
CA ALA A 335 -17.08 33.02 12.23
C ALA A 335 -16.00 33.81 12.96
N GLU A 336 -15.61 33.33 14.16
CA GLU A 336 -14.51 33.92 14.92
C GLU A 336 -13.16 33.53 14.35
N GLY A 337 -13.12 32.47 13.53
CA GLY A 337 -11.90 32.01 12.89
C GLY A 337 -11.37 30.70 13.46
N VAL A 338 -12.18 30.02 14.28
CA VAL A 338 -11.80 28.75 14.87
C VAL A 338 -12.32 27.63 13.97
N PRO A 339 -11.44 26.79 13.38
CA PRO A 339 -11.87 25.77 12.42
C PRO A 339 -12.46 24.52 13.08
N MET A 340 -13.57 24.70 13.81
CA MET A 340 -14.23 23.60 14.50
C MET A 340 -14.85 22.68 13.46
N SER A 341 -14.69 21.37 13.67
CA SER A 341 -15.13 20.37 12.72
C SER A 341 -15.86 19.25 13.43
N GLN A 342 -16.43 18.33 12.65
CA GLN A 342 -16.78 17.02 13.17
C GLN A 342 -15.66 16.07 12.77
N TYR A 343 -15.56 14.95 13.51
CA TYR A 343 -14.69 13.86 13.12
C TYR A 343 -15.47 12.56 13.25
N GLN A 344 -15.92 12.04 12.10
CA GLN A 344 -16.91 10.97 11.99
C GLN A 344 -18.31 11.55 12.18
N LEU A 345 -19.16 11.37 11.16
CA LEU A 345 -20.55 11.82 11.17
C LEU A 345 -21.47 10.72 11.70
N MET A 346 -20.98 9.47 11.71
CA MET A 346 -21.79 8.34 12.11
C MET A 346 -20.89 7.30 12.77
N PRO A 347 -21.44 6.44 13.65
CA PRO A 347 -20.73 5.25 14.12
C PRO A 347 -20.39 4.35 12.93
N LEU A 348 -19.25 3.65 13.00
CA LEU A 348 -18.81 2.78 11.91
C LEU A 348 -19.89 1.79 11.50
N PRO A 349 -20.65 1.15 12.43
CA PRO A 349 -21.71 0.22 12.02
C PRO A 349 -22.74 0.75 11.02
N ASP A 350 -22.90 2.08 10.95
CA ASP A 350 -23.84 2.71 10.03
C ASP A 350 -23.27 2.84 8.62
N GLN A 351 -21.96 2.64 8.46
CA GLN A 351 -21.32 2.75 7.15
C GLN A 351 -21.80 1.62 6.24
N LYS A 352 -22.00 1.96 4.96
CA LYS A 352 -22.63 1.08 3.99
C LYS A 352 -21.95 -0.29 3.97
N VAL A 353 -20.62 -0.31 4.05
CA VAL A 353 -19.85 -1.55 3.98
C VAL A 353 -20.30 -2.51 5.09
N PHE A 354 -20.59 -1.96 6.29
CA PHE A 354 -20.89 -2.79 7.45
C PHE A 354 -22.39 -3.08 7.54
N VAL A 355 -23.22 -2.23 6.92
CA VAL A 355 -24.66 -2.47 6.86
C VAL A 355 -24.95 -3.56 5.82
N ASP A 356 -24.38 -3.41 4.62
CA ASP A 356 -24.72 -4.25 3.49
C ASP A 356 -24.12 -5.65 3.66
N ARG A 357 -22.92 -5.72 4.24
CA ARG A 357 -22.23 -6.97 4.49
C ARG A 357 -22.11 -7.77 3.21
N VAL A 358 -21.72 -7.10 2.12
CA VAL A 358 -21.40 -7.75 0.86
C VAL A 358 -19.91 -8.12 0.85
N GLY A 359 -19.06 -7.19 1.32
CA GLY A 359 -17.63 -7.43 1.45
C GLY A 359 -16.96 -7.63 0.10
N PHE A 360 -16.18 -8.70 -0.03
CA PHE A 360 -15.48 -9.00 -1.27
C PHE A 360 -16.46 -9.40 -2.37
N GLY A 361 -17.67 -9.79 -1.95
CA GLY A 361 -18.67 -10.37 -2.82
C GLY A 361 -19.30 -11.59 -2.16
N GLY A 362 -20.60 -11.78 -2.38
CA GLY A 362 -21.31 -12.93 -1.88
C GLY A 362 -21.41 -12.96 -0.36
N GLY A 363 -21.17 -11.81 0.28
CA GLY A 363 -21.30 -11.66 1.71
C GLY A 363 -20.06 -12.07 2.50
N TYR A 364 -18.96 -12.43 1.82
CA TYR A 364 -17.72 -12.75 2.50
C TYR A 364 -17.08 -11.46 3.00
N PRO A 365 -16.59 -11.36 4.26
CA PRO A 365 -16.39 -12.50 5.17
C PRO A 365 -17.54 -13.00 6.04
N TRP A 366 -18.66 -12.28 6.08
CA TRP A 366 -19.76 -12.58 7.00
C TRP A 366 -20.33 -13.97 6.75
N THR A 367 -20.30 -14.39 5.48
CA THR A 367 -20.85 -15.68 5.07
C THR A 367 -20.29 -16.80 5.94
N VAL A 368 -19.01 -16.72 6.31
CA VAL A 368 -18.33 -17.80 7.00
C VAL A 368 -18.82 -17.90 8.45
N THR A 369 -19.10 -16.76 9.11
CA THR A 369 -19.41 -16.73 10.52
C THR A 369 -20.91 -16.94 10.75
N GLY A 370 -21.69 -16.96 9.66
CA GLY A 370 -23.14 -17.05 9.75
C GLY A 370 -23.79 -15.69 9.99
N ALA A 371 -23.01 -14.60 9.96
CA ALA A 371 -23.54 -13.27 10.22
C ALA A 371 -24.11 -12.67 8.93
N THR A 372 -24.92 -13.47 8.23
CA THR A 372 -25.70 -13.00 7.10
C THR A 372 -26.96 -12.32 7.63
N GLY A 373 -27.26 -12.53 8.92
CA GLY A 373 -28.25 -11.77 9.66
C GLY A 373 -27.70 -11.27 11.00
N GLY A 377 -31.05 -4.12 14.44
CA GLY A 377 -31.56 -2.95 15.18
C GLY A 377 -30.47 -1.88 15.35
N GLU A 378 -30.89 -0.67 15.75
CA GLU A 378 -29.97 0.42 16.00
C GLU A 378 -29.33 0.23 17.37
N ASP A 379 -28.01 0.41 17.43
CA ASP A 379 -27.20 0.03 18.56
C ASP A 379 -26.23 1.17 18.85
N HIS A 380 -25.37 1.00 19.86
CA HIS A 380 -24.26 1.90 20.13
C HIS A 380 -24.76 3.31 20.47
N PRO A 381 -25.65 3.46 21.47
CA PRO A 381 -26.20 4.78 21.82
C PRO A 381 -25.18 5.83 22.25
N VAL A 382 -24.07 5.41 22.90
CA VAL A 382 -23.09 6.36 23.42
C VAL A 382 -22.31 6.99 22.26
N ALA A 383 -21.85 6.16 21.32
CA ALA A 383 -21.20 6.68 20.12
C ALA A 383 -22.09 7.72 19.44
N ARG A 384 -23.39 7.43 19.34
CA ARG A 384 -24.33 8.34 18.71
C ARG A 384 -24.46 9.64 19.51
N ALA A 385 -24.55 9.51 20.83
CA ALA A 385 -24.68 10.65 21.72
C ALA A 385 -23.45 11.56 21.62
N VAL A 386 -22.26 10.95 21.55
CA VAL A 386 -21.00 11.70 21.45
C VAL A 386 -20.99 12.48 20.14
N ILE A 387 -21.35 11.84 19.03
CA ILE A 387 -21.38 12.52 17.74
C ILE A 387 -22.41 13.65 17.76
N ALA A 388 -23.54 13.44 18.46
CA ALA A 388 -24.64 14.39 18.44
C ALA A 388 -24.26 15.75 19.07
N ASP A 389 -23.37 15.76 20.07
CA ASP A 389 -23.15 16.97 20.84
C ASP A 389 -21.68 17.43 20.83
N SER A 390 -20.85 16.90 19.92
CA SER A 390 -19.42 17.18 19.97
C SER A 390 -18.92 17.88 18.71
N LEU A 391 -17.89 18.72 18.91
CA LEU A 391 -17.09 19.27 17.82
C LEU A 391 -15.61 18.99 18.13
N THR A 392 -14.78 19.03 17.07
CA THR A 392 -13.37 18.71 17.20
C THR A 392 -12.50 19.84 16.64
N LEU A 393 -11.29 19.96 17.19
N LEU A 393 -11.27 19.94 17.17
CA LEU A 393 -10.22 20.69 16.55
CA LEU A 393 -10.21 20.70 16.54
C LEU A 393 -9.20 19.68 16.01
C LEU A 393 -9.16 19.72 16.03
N GLN A 394 -8.79 19.87 14.75
CA GLN A 394 -7.82 19.01 14.11
C GLN A 394 -6.66 19.89 13.61
N LYS A 395 -5.45 19.32 13.65
CA LYS A 395 -4.27 19.78 12.93
C LYS A 395 -3.58 20.98 13.60
N ARG A 396 -4.31 22.08 13.83
CA ARG A 396 -3.69 23.37 14.09
C ARG A 396 -2.89 23.34 15.40
N HIS A 397 -3.38 22.59 16.38
CA HIS A 397 -2.78 22.52 17.70
C HIS A 397 -1.54 21.62 17.73
N LEU A 398 -1.23 20.96 16.60
CA LEU A 398 -0.11 20.01 16.56
C LEU A 398 1.23 20.74 16.42
N HIS A 399 1.20 21.99 15.92
CA HIS A 399 2.42 22.71 15.58
C HIS A 399 3.01 23.32 16.85
N PRO A 400 4.34 23.21 17.09
CA PRO A 400 4.94 23.72 18.32
C PRO A 400 4.80 25.23 18.55
N GLU A 401 4.52 25.99 17.48
CA GLU A 401 4.41 27.44 17.54
C GLU A 401 2.95 27.90 17.66
N SER A 402 2.01 26.98 17.90
CA SER A 402 0.59 27.32 17.85
C SER A 402 0.07 27.85 19.19
N GLY A 403 0.95 28.15 20.14
CA GLY A 403 0.55 28.62 21.46
C GLY A 403 -0.36 29.85 21.41
N GLU A 404 0.06 30.88 20.68
CA GLU A 404 -0.69 32.13 20.59
C GLU A 404 -2.02 31.88 19.86
N LEU A 405 -2.00 31.05 18.82
CA LEU A 405 -3.18 30.69 18.06
C LEU A 405 -4.23 30.09 19.00
N LEU A 406 -3.83 29.13 19.84
CA LEU A 406 -4.78 28.45 20.72
C LEU A 406 -5.35 29.43 21.74
N HIS A 407 -4.57 30.45 22.13
CA HIS A 407 -5.09 31.50 23.01
C HIS A 407 -6.13 32.35 22.29
N LEU A 408 -5.93 32.59 20.98
CA LEU A 408 -6.92 33.27 20.16
C LEU A 408 -8.20 32.43 20.09
N TYR A 409 -8.05 31.10 19.94
CA TYR A 409 -9.20 30.20 19.95
C TYR A 409 -9.96 30.33 21.27
N ALA A 410 -9.22 30.34 22.40
CA ALA A 410 -9.83 30.48 23.71
C ALA A 410 -10.57 31.82 23.82
N ASP A 411 -9.99 32.89 23.27
CA ASP A 411 -10.67 34.18 23.21
C ASP A 411 -12.03 34.01 22.53
N ALA A 412 -12.04 33.26 21.41
CA ALA A 412 -13.26 33.04 20.63
C ALA A 412 -14.31 32.29 21.45
N PHE A 413 -13.90 31.20 22.11
CA PHE A 413 -14.82 30.42 22.95
C PHE A 413 -15.40 31.30 24.05
N GLU A 414 -14.57 32.12 24.68
CA GLU A 414 -15.01 32.98 25.77
C GLU A 414 -16.02 34.02 25.26
N LYS A 415 -15.81 34.55 24.05
CA LYS A 415 -16.74 35.48 23.42
C LYS A 415 -18.09 34.83 23.20
N VAL A 416 -18.10 33.63 22.63
CA VAL A 416 -19.32 32.90 22.35
C VAL A 416 -20.06 32.63 23.67
N TRP A 417 -19.32 32.20 24.70
CA TRP A 417 -19.92 31.87 25.99
C TRP A 417 -20.40 33.10 26.74
N ALA A 418 -19.93 34.29 26.35
CA ALA A 418 -20.42 35.54 26.94
C ALA A 418 -21.74 35.96 26.29
N ASN A 419 -22.21 35.22 25.28
CA ASN A 419 -23.43 35.57 24.56
C ASN A 419 -24.37 34.36 24.51
N PRO A 420 -24.74 33.78 25.68
CA PRO A 420 -25.57 32.57 25.70
C PRO A 420 -26.95 32.72 25.04
N ASP A 421 -27.54 33.92 25.15
CA ASP A 421 -28.86 34.16 24.57
C ASP A 421 -28.81 34.01 23.06
N MET A 422 -27.73 34.48 22.44
CA MET A 422 -27.60 34.45 20.99
C MET A 422 -27.34 33.01 20.53
N VAL A 423 -26.59 32.24 21.34
CA VAL A 423 -26.37 30.83 21.07
C VAL A 423 -27.73 30.11 21.08
N ALA A 424 -28.53 30.38 22.11
CA ALA A 424 -29.83 29.74 22.28
C ALA A 424 -30.75 30.09 21.12
N THR A 425 -30.73 31.36 20.68
CA THR A 425 -31.58 31.82 19.60
C THR A 425 -31.24 31.08 18.30
N LEU A 426 -29.94 30.96 18.00
CA LEU A 426 -29.48 30.24 16.82
C LEU A 426 -29.89 28.77 16.89
N ALA A 427 -29.70 28.15 18.05
CA ALA A 427 -29.98 26.73 18.22
C ALA A 427 -31.46 26.44 18.03
N GLY A 428 -32.32 27.37 18.49
CA GLY A 428 -33.76 27.21 18.45
C GLY A 428 -34.40 27.65 17.13
N ALA A 429 -33.62 28.29 16.26
CA ALA A 429 -34.13 28.84 15.00
C ALA A 429 -34.25 27.74 13.95
N ALA A 430 -35.10 28.00 12.95
CA ALA A 430 -35.24 27.13 11.79
C ALA A 430 -34.13 27.45 10.78
N SER B 2 41.76 -12.91 -23.69
CA SER B 2 41.68 -14.11 -24.56
C SER B 2 41.26 -15.33 -23.75
N LYS B 3 41.89 -15.52 -22.59
CA LYS B 3 41.61 -16.66 -21.73
C LYS B 3 40.45 -16.32 -20.80
N LEU B 4 39.67 -17.35 -20.41
CA LEU B 4 38.46 -17.18 -19.63
C LEU B 4 38.80 -16.58 -18.26
N ALA B 5 37.96 -15.63 -17.82
CA ALA B 5 38.12 -14.96 -16.54
C ALA B 5 37.79 -15.89 -15.39
N ALA B 6 37.02 -16.95 -15.66
CA ALA B 6 36.70 -17.95 -14.65
C ALA B 6 37.95 -18.72 -14.22
N PHE B 7 39.00 -18.69 -15.06
CA PHE B 7 40.23 -19.41 -14.78
C PHE B 7 41.43 -18.46 -14.84
N GLY B 8 41.27 -17.26 -14.29
CA GLY B 8 42.39 -16.36 -14.05
C GLY B 8 42.59 -15.32 -15.16
N GLY B 9 41.91 -15.51 -16.31
CA GLY B 9 42.08 -14.62 -17.45
C GLY B 9 41.50 -13.23 -17.19
N PRO B 10 41.75 -12.24 -18.10
CA PRO B 10 41.18 -10.91 -17.95
C PRO B 10 39.69 -10.91 -18.26
N PRO B 11 38.84 -10.22 -17.47
CA PRO B 11 37.41 -10.15 -17.76
C PRO B 11 37.11 -9.28 -18.98
N ALA B 12 36.16 -9.73 -19.81
CA ALA B 12 35.73 -8.98 -20.97
C ALA B 12 35.07 -7.67 -20.55
N VAL B 13 34.52 -7.65 -19.33
CA VAL B 13 33.93 -6.43 -18.75
C VAL B 13 34.79 -6.02 -17.56
N PRO B 14 35.52 -4.88 -17.63
CA PRO B 14 36.28 -4.38 -16.48
C PRO B 14 35.38 -3.98 -15.30
N ARG B 15 35.89 -4.18 -14.09
CA ARG B 15 35.12 -4.00 -12.86
C ARG B 15 34.58 -2.58 -12.74
N ASP B 16 35.38 -1.59 -13.17
CA ASP B 16 35.03 -0.19 -12.98
C ASP B 16 33.99 0.27 -13.99
N ARG B 17 33.54 -0.63 -14.87
CA ARG B 17 32.55 -0.30 -15.90
C ARG B 17 31.25 -1.08 -15.71
N ARG B 18 31.10 -1.78 -14.57
CA ARG B 18 30.00 -2.71 -14.39
C ARG B 18 28.78 -2.03 -13.78
N HIS B 19 29.00 -1.00 -12.95
CA HIS B 19 27.91 -0.36 -12.23
C HIS B 19 27.01 0.45 -13.16
N VAL B 20 25.70 0.31 -12.97
CA VAL B 20 24.69 1.11 -13.67
C VAL B 20 23.69 1.60 -12.63
N GLU B 21 23.46 2.92 -12.58
CA GLU B 21 22.44 3.48 -11.69
C GLU B 21 21.09 3.39 -12.41
N TRP B 22 20.13 2.70 -11.77
CA TRP B 22 18.75 2.75 -12.21
C TRP B 22 17.86 2.70 -10.98
N PRO B 23 16.94 3.68 -10.77
CA PRO B 23 16.65 4.73 -11.76
C PRO B 23 17.81 5.70 -12.02
N LEU B 24 17.73 6.38 -13.18
CA LEU B 24 18.64 7.45 -13.52
C LEU B 24 18.06 8.76 -12.99
N VAL B 25 18.61 9.22 -11.85
CA VAL B 25 18.08 10.37 -11.15
C VAL B 25 18.84 11.61 -11.61
N GLU B 26 18.09 12.59 -12.13
CA GLU B 26 18.61 13.87 -12.55
C GLU B 26 18.16 14.94 -11.55
N ASP B 27 18.73 16.13 -11.66
CA ASP B 27 18.37 17.25 -10.80
C ASP B 27 16.88 17.62 -10.96
N GLU B 28 16.34 17.43 -12.17
N GLU B 28 16.34 17.43 -12.18
CA GLU B 28 14.93 17.71 -12.42
CA GLU B 28 14.93 17.68 -12.44
C GLU B 28 14.05 16.79 -11.57
C GLU B 28 14.07 16.81 -11.51
N ASP B 29 14.50 15.55 -11.34
CA ASP B 29 13.80 14.60 -10.49
C ASP B 29 13.82 15.06 -9.03
N ARG B 30 15.00 15.50 -8.56
CA ARG B 30 15.17 15.93 -7.17
C ARG B 30 14.32 17.15 -6.90
N LYS B 31 14.30 18.10 -7.86
CA LYS B 31 13.51 19.32 -7.72
C LYS B 31 12.02 18.99 -7.66
N ALA B 32 11.58 18.09 -8.55
CA ALA B 32 10.18 17.68 -8.60
C ALA B 32 9.74 17.13 -7.24
N VAL B 33 10.60 16.31 -6.63
CA VAL B 33 10.32 15.70 -5.34
C VAL B 33 10.24 16.78 -4.26
N ILE B 34 11.23 17.69 -4.23
CA ILE B 34 11.26 18.74 -3.21
C ILE B 34 10.07 19.68 -3.40
N ASP B 35 9.76 20.02 -4.66
CA ASP B 35 8.63 20.90 -4.94
C ASP B 35 7.34 20.28 -4.40
N ALA B 36 7.20 18.95 -4.56
CA ALA B 36 6.03 18.23 -4.08
C ALA B 36 5.98 18.24 -2.55
N LEU B 37 7.16 18.20 -1.93
CA LEU B 37 7.27 18.21 -0.47
C LEU B 37 6.80 19.57 0.07
N ASP B 38 7.25 20.66 -0.56
CA ASP B 38 6.96 22.01 -0.09
C ASP B 38 5.66 22.53 -0.68
N GLY B 39 4.99 21.73 -1.52
CA GLY B 39 3.67 22.08 -2.03
C GLY B 39 2.56 21.33 -1.31
N ALA B 40 2.70 21.17 0.01
CA ALA B 40 1.74 20.43 0.82
C ALA B 40 0.56 21.34 1.18
N GLU B 49 -3.03 21.47 -8.14
CA GLU B 49 -1.64 21.37 -7.59
C GLU B 49 -1.43 20.00 -6.93
N ASN B 50 -2.06 18.96 -7.49
CA ASN B 50 -1.95 17.60 -6.96
C ASN B 50 -1.09 16.78 -7.91
N PRO B 51 0.16 16.42 -7.53
CA PRO B 51 1.03 15.60 -8.36
C PRO B 51 0.43 14.27 -8.82
N VAL B 52 -0.43 13.66 -7.99
CA VAL B 52 -1.00 12.36 -8.31
C VAL B 52 -1.95 12.48 -9.50
N SER B 53 -2.87 13.45 -9.45
CA SER B 53 -3.81 13.64 -10.53
C SER B 53 -3.10 14.19 -11.78
N THR B 54 -2.00 14.92 -11.59
CA THR B 54 -1.18 15.37 -12.71
C THR B 54 -0.60 14.17 -13.44
N LEU B 55 -0.05 13.20 -12.70
CA LEU B 55 0.50 12.01 -13.30
C LEU B 55 -0.59 11.22 -14.03
N GLU B 56 -1.77 11.12 -13.42
CA GLU B 56 -2.89 10.40 -14.00
C GLU B 56 -3.20 10.99 -15.39
N GLU B 57 -3.32 12.31 -15.46
CA GLU B 57 -3.63 13.02 -16.69
C GLU B 57 -2.54 12.82 -17.74
N GLN B 58 -1.27 12.91 -17.30
CA GLN B 58 -0.13 12.82 -18.19
C GLN B 58 0.02 11.40 -18.74
N TRP B 59 -0.19 10.38 -17.89
CA TRP B 59 -0.10 8.99 -18.32
C TRP B 59 -1.19 8.69 -19.36
N ALA B 60 -2.43 9.08 -19.05
CA ALA B 60 -3.57 8.86 -19.93
C ALA B 60 -3.34 9.57 -21.27
N GLY B 61 -2.86 10.81 -21.20
CA GLY B 61 -2.60 11.63 -22.37
C GLY B 61 -1.53 11.01 -23.27
N ARG B 62 -0.42 10.59 -22.66
CA ARG B 62 0.73 10.08 -23.40
C ARG B 62 0.39 8.77 -24.10
N PHE B 63 -0.39 7.89 -23.44
CA PHE B 63 -0.60 6.55 -23.94
C PHE B 63 -2.03 6.35 -24.46
N GLY B 64 -2.82 7.43 -24.48
CA GLY B 64 -4.08 7.46 -25.20
C GLY B 64 -5.23 6.77 -24.47
N PHE B 65 -5.14 6.64 -23.15
CA PHE B 65 -6.15 5.95 -22.36
C PHE B 65 -7.26 6.92 -21.97
N GLY B 66 -8.48 6.40 -21.81
CA GLY B 66 -9.63 7.19 -21.42
C GLY B 66 -9.55 7.63 -19.96
N HIS B 67 -9.06 6.75 -19.09
CA HIS B 67 -8.99 7.02 -17.66
C HIS B 67 -7.73 6.40 -17.07
N CYS B 68 -7.16 7.08 -16.07
CA CYS B 68 -6.01 6.58 -15.34
C CYS B 68 -6.20 6.87 -13.86
N VAL B 69 -6.09 5.82 -13.03
CA VAL B 69 -6.20 5.94 -11.60
C VAL B 69 -4.90 5.47 -10.97
N ALA B 70 -4.23 6.39 -10.26
CA ALA B 70 -2.97 6.12 -9.61
C ALA B 70 -3.23 5.44 -8.26
N VAL B 71 -2.45 4.40 -7.97
CA VAL B 71 -2.62 3.62 -6.76
C VAL B 71 -1.23 3.29 -6.19
N SER B 72 -1.23 2.54 -5.08
CA SER B 72 -0.02 2.29 -4.30
C SER B 72 0.99 1.43 -5.06
N THR B 73 0.48 0.37 -5.71
CA THR B 73 1.31 -0.64 -6.34
C THR B 73 0.61 -1.22 -7.57
N GLY B 74 1.38 -1.92 -8.41
CA GLY B 74 0.82 -2.66 -9.54
C GLY B 74 -0.11 -3.79 -9.08
N THR B 75 0.22 -4.39 -7.94
CA THR B 75 -0.59 -5.46 -7.37
C THR B 75 -1.97 -4.92 -7.00
N ALA B 76 -2.00 -3.75 -6.33
CA ALA B 76 -3.26 -3.11 -5.94
C ALA B 76 -4.06 -2.74 -7.18
N ALA B 77 -3.38 -2.30 -8.24
CA ALA B 77 -4.06 -2.00 -9.51
C ALA B 77 -4.83 -3.22 -9.98
N LEU B 78 -4.18 -4.39 -9.95
CA LEU B 78 -4.77 -5.65 -10.40
C LEU B 78 -5.97 -6.03 -9.53
N SER B 79 -5.78 -6.00 -8.21
N SER B 79 -5.78 -5.99 -8.20
CA SER B 79 -6.81 -6.44 -7.28
CA SER B 79 -6.82 -6.44 -7.29
C SER B 79 -8.02 -5.50 -7.34
C SER B 79 -8.03 -5.50 -7.32
N LEU B 80 -7.78 -4.19 -7.43
CA LEU B 80 -8.86 -3.21 -7.52
C LEU B 80 -9.61 -3.36 -8.84
N ALA B 81 -8.89 -3.68 -9.91
CA ALA B 81 -9.51 -3.93 -11.22
C ALA B 81 -10.45 -5.13 -11.14
N LEU B 82 -10.00 -6.22 -10.51
CA LEU B 82 -10.81 -7.42 -10.34
C LEU B 82 -12.11 -7.09 -9.60
N ALA B 83 -11.98 -6.33 -8.50
CA ALA B 83 -13.13 -5.92 -7.70
C ALA B 83 -14.10 -5.09 -8.54
N ALA B 84 -13.57 -4.14 -9.31
CA ALA B 84 -14.37 -3.27 -10.15
C ALA B 84 -15.13 -4.08 -11.22
N LEU B 85 -14.53 -5.19 -11.65
CA LEU B 85 -15.12 -6.02 -12.70
C LEU B 85 -15.99 -7.13 -12.11
N GLY B 86 -16.27 -7.06 -10.80
CA GLY B 86 -17.22 -7.95 -10.16
C GLY B 86 -16.65 -9.33 -9.85
N VAL B 87 -15.32 -9.46 -9.88
CA VAL B 87 -14.65 -10.73 -9.61
C VAL B 87 -14.45 -10.85 -8.11
N GLY B 88 -14.79 -12.02 -7.56
CA GLY B 88 -14.68 -12.24 -6.12
C GLY B 88 -14.86 -13.70 -5.73
N PRO B 89 -15.32 -13.97 -4.48
CA PRO B 89 -15.52 -15.32 -3.99
C PRO B 89 -16.27 -16.23 -4.96
N GLY B 90 -15.70 -17.40 -5.23
CA GLY B 90 -16.31 -18.41 -6.09
C GLY B 90 -15.84 -18.31 -7.54
N ASP B 91 -15.11 -17.23 -7.88
CA ASP B 91 -14.67 -16.96 -9.23
C ASP B 91 -13.24 -17.45 -9.42
N GLU B 92 -12.94 -17.89 -10.65
CA GLU B 92 -11.59 -18.26 -11.05
C GLU B 92 -11.04 -17.20 -12.00
N VAL B 93 -9.74 -16.92 -11.85
CA VAL B 93 -9.03 -15.98 -12.71
C VAL B 93 -7.84 -16.72 -13.32
N ILE B 94 -7.78 -16.77 -14.65
CA ILE B 94 -6.69 -17.46 -15.34
C ILE B 94 -5.51 -16.50 -15.47
N VAL B 95 -4.33 -16.98 -15.03
CA VAL B 95 -3.10 -16.21 -15.04
C VAL B 95 -1.97 -17.11 -15.55
N PRO B 96 -0.81 -16.56 -15.99
CA PRO B 96 0.30 -17.38 -16.47
C PRO B 96 1.03 -18.14 -15.37
N ALA B 97 1.57 -19.31 -15.71
CA ALA B 97 2.35 -20.13 -14.79
C ALA B 97 3.77 -19.60 -14.66
N LEU B 98 4.22 -18.83 -15.66
CA LEU B 98 5.47 -18.09 -15.57
C LEU B 98 5.14 -16.61 -15.50
N SER B 99 5.46 -16.01 -14.36
CA SER B 99 5.03 -14.66 -14.04
C SER B 99 5.70 -14.21 -12.74
N PHE B 100 5.67 -12.91 -12.47
CA PHE B 100 5.91 -12.42 -11.12
C PHE B 100 4.73 -12.87 -10.24
N ILE B 101 5.01 -13.20 -8.98
CA ILE B 101 4.01 -13.82 -8.11
C ILE B 101 2.80 -12.89 -7.93
N ALA B 102 2.98 -11.57 -8.04
CA ALA B 102 1.91 -10.61 -7.83
C ALA B 102 0.69 -10.93 -8.71
N THR B 103 0.94 -11.38 -9.95
CA THR B 103 -0.15 -11.67 -10.88
C THR B 103 -1.01 -12.82 -10.35
N GLY B 104 -0.38 -13.82 -9.72
CA GLY B 104 -1.10 -14.95 -9.14
C GLY B 104 -1.77 -14.61 -7.81
N LEU B 105 -1.20 -13.66 -7.06
CA LEU B 105 -1.73 -13.28 -5.75
C LEU B 105 -2.91 -12.32 -5.88
N ALA B 106 -2.92 -11.47 -6.91
CA ALA B 106 -3.94 -10.46 -7.05
C ALA B 106 -5.35 -11.07 -6.96
N PRO B 107 -5.65 -12.19 -7.65
CA PRO B 107 -6.93 -12.89 -7.44
C PRO B 107 -7.21 -13.26 -5.98
N VAL B 108 -6.21 -13.84 -5.31
CA VAL B 108 -6.34 -14.25 -3.92
C VAL B 108 -6.68 -13.05 -3.04
N HIS B 109 -6.07 -11.89 -3.34
CA HIS B 109 -6.30 -10.66 -2.58
C HIS B 109 -7.75 -10.19 -2.67
N GLN B 110 -8.45 -10.55 -3.75
CA GLN B 110 -9.86 -10.21 -3.95
C GLN B 110 -10.74 -11.44 -3.70
N MET B 111 -10.17 -12.46 -3.02
CA MET B 111 -10.88 -13.65 -2.56
C MET B 111 -11.37 -14.51 -3.73
N ALA B 112 -10.65 -14.42 -4.86
CA ALA B 112 -10.89 -15.29 -6.00
C ALA B 112 -9.75 -16.31 -6.09
N VAL B 113 -9.94 -17.32 -6.95
CA VAL B 113 -9.00 -18.43 -7.08
C VAL B 113 -8.21 -18.26 -8.37
N PRO B 114 -6.87 -18.20 -8.32
CA PRO B 114 -6.04 -18.15 -9.53
C PRO B 114 -5.90 -19.55 -10.15
N VAL B 115 -6.02 -19.58 -11.48
CA VAL B 115 -5.85 -20.80 -12.26
C VAL B 115 -4.72 -20.54 -13.25
N PHE B 116 -3.75 -21.46 -13.29
CA PHE B 116 -2.48 -21.22 -13.97
C PHE B 116 -2.49 -21.89 -15.34
N ALA B 117 -2.32 -21.07 -16.38
CA ALA B 117 -2.16 -21.55 -17.75
C ALA B 117 -0.67 -21.56 -18.11
N ASP B 118 -0.26 -22.58 -18.88
CA ASP B 118 1.12 -22.68 -19.31
C ASP B 118 1.41 -21.58 -20.34
N VAL B 119 2.69 -21.39 -20.64
CA VAL B 119 3.15 -20.29 -21.47
C VAL B 119 3.68 -20.83 -22.79
N ASP B 120 4.02 -19.89 -23.68
CA ASP B 120 4.59 -20.19 -24.99
C ASP B 120 6.10 -20.39 -24.84
N PRO B 121 6.71 -21.35 -25.56
CA PRO B 121 8.14 -21.63 -25.41
C PRO B 121 9.08 -20.53 -25.89
N VAL B 122 8.57 -19.58 -26.69
CA VAL B 122 9.40 -18.54 -27.29
C VAL B 122 9.01 -17.16 -26.77
N THR B 123 7.69 -16.88 -26.67
CA THR B 123 7.23 -15.57 -26.21
C THR B 123 7.22 -15.50 -24.69
N PHE B 124 7.15 -16.66 -24.03
CA PHE B 124 7.09 -16.78 -22.58
C PHE B 124 5.77 -16.26 -22.01
N ASN B 125 4.78 -15.98 -22.88
CA ASN B 125 3.51 -15.43 -22.45
C ASN B 125 2.45 -16.55 -22.45
N LEU B 126 1.32 -16.31 -21.77
CA LEU B 126 0.35 -17.37 -21.56
C LEU B 126 -0.21 -17.84 -22.90
N ASP B 127 -0.27 -19.16 -23.07
CA ASP B 127 -0.66 -19.81 -24.30
C ASP B 127 -2.19 -19.80 -24.38
N PRO B 128 -2.79 -19.08 -25.35
CA PRO B 128 -4.26 -19.01 -25.45
C PRO B 128 -4.94 -20.37 -25.53
N ASP B 129 -4.27 -21.34 -26.18
CA ASP B 129 -4.81 -22.68 -26.31
C ASP B 129 -4.93 -23.34 -24.93
N ASP B 130 -3.93 -23.11 -24.07
CA ASP B 130 -3.94 -23.70 -22.74
C ASP B 130 -4.95 -22.95 -21.87
N VAL B 131 -5.09 -21.63 -22.09
CA VAL B 131 -6.10 -20.83 -21.42
C VAL B 131 -7.47 -21.47 -21.62
N GLU B 132 -7.81 -21.77 -22.89
CA GLU B 132 -9.09 -22.35 -23.24
C GLU B 132 -9.32 -23.66 -22.46
N ARG B 133 -8.26 -24.47 -22.33
CA ARG B 133 -8.36 -25.78 -21.70
C ARG B 133 -8.63 -25.67 -20.20
N ARG B 134 -8.35 -24.50 -19.60
CA ARG B 134 -8.46 -24.36 -18.16
C ARG B 134 -9.69 -23.55 -17.76
N ILE B 135 -10.50 -23.15 -18.75
CA ILE B 135 -11.76 -22.48 -18.47
C ILE B 135 -12.71 -23.48 -17.83
N THR B 136 -13.45 -23.00 -16.82
CA THR B 136 -14.52 -23.75 -16.19
C THR B 136 -15.75 -22.84 -16.08
N GLY B 137 -16.84 -23.39 -15.53
CA GLY B 137 -18.03 -22.59 -15.25
C GLY B 137 -17.76 -21.45 -14.27
N ARG B 138 -16.66 -21.53 -13.52
CA ARG B 138 -16.35 -20.54 -12.49
C ARG B 138 -15.44 -19.43 -13.02
N THR B 139 -14.83 -19.62 -14.20
CA THR B 139 -13.93 -18.62 -14.76
C THR B 139 -14.66 -17.30 -14.94
N ALA B 140 -14.04 -16.21 -14.47
CA ALA B 140 -14.62 -14.87 -14.60
C ALA B 140 -13.67 -13.91 -15.31
N ALA B 141 -12.37 -14.18 -15.31
CA ALA B 141 -11.40 -13.23 -15.85
C ALA B 141 -10.13 -13.92 -16.30
N ILE B 142 -9.39 -13.21 -17.16
CA ILE B 142 -8.05 -13.59 -17.58
C ILE B 142 -7.14 -12.40 -17.32
N ILE B 143 -5.96 -12.66 -16.75
CA ILE B 143 -4.92 -11.64 -16.62
C ILE B 143 -3.75 -12.04 -17.51
N PRO B 144 -3.74 -11.64 -18.81
CA PRO B 144 -2.55 -11.83 -19.65
C PRO B 144 -1.45 -10.91 -19.14
N VAL B 145 -0.22 -11.45 -19.05
CA VAL B 145 0.94 -10.66 -18.68
C VAL B 145 1.76 -10.40 -19.94
N HIS B 146 2.19 -9.16 -20.13
CA HIS B 146 3.18 -8.84 -21.14
C HIS B 146 4.56 -9.05 -20.52
N LEU B 147 4.96 -10.32 -20.39
CA LEU B 147 6.09 -10.68 -19.56
C LEU B 147 7.40 -10.22 -20.22
N HIS B 148 8.27 -9.62 -19.40
CA HIS B 148 9.59 -9.16 -19.79
C HIS B 148 9.52 -7.94 -20.71
N GLY B 149 8.30 -7.51 -21.06
CA GLY B 149 8.12 -6.40 -22.00
C GLY B 149 7.48 -6.81 -23.32
N ALA B 150 7.30 -8.11 -23.55
CA ALA B 150 6.73 -8.61 -24.81
C ALA B 150 5.21 -8.67 -24.68
N PRO B 151 4.43 -7.95 -25.53
CA PRO B 151 2.97 -8.09 -25.53
C PRO B 151 2.51 -9.52 -25.79
N ALA B 152 1.49 -9.93 -25.02
CA ALA B 152 0.89 -11.25 -25.14
C ALA B 152 -0.02 -11.29 -26.36
N ASP B 153 -0.58 -12.49 -26.61
CA ASP B 153 -1.41 -12.76 -27.77
C ASP B 153 -2.82 -12.24 -27.54
N MET B 154 -2.98 -10.92 -27.65
CA MET B 154 -4.18 -10.26 -27.17
C MET B 154 -5.37 -10.53 -28.08
N ASP B 155 -5.13 -10.79 -29.36
CA ASP B 155 -6.21 -11.13 -30.29
C ASP B 155 -6.91 -12.40 -29.81
N ARG B 156 -6.12 -13.43 -29.50
CA ARG B 156 -6.64 -14.72 -29.07
C ARG B 156 -7.26 -14.60 -27.68
N ILE B 157 -6.59 -13.88 -26.77
CA ILE B 157 -7.09 -13.76 -25.40
C ILE B 157 -8.44 -13.04 -25.38
N THR B 158 -8.56 -11.93 -26.12
CA THR B 158 -9.80 -11.17 -26.14
C THR B 158 -10.92 -11.99 -26.81
N ALA B 159 -10.57 -12.77 -27.83
CA ALA B 159 -11.54 -13.62 -28.52
C ALA B 159 -12.10 -14.67 -27.57
N ILE B 160 -11.22 -15.31 -26.80
CA ILE B 160 -11.62 -16.28 -25.79
C ILE B 160 -12.53 -15.60 -24.76
N ALA B 161 -12.13 -14.41 -24.31
CA ALA B 161 -12.87 -13.68 -23.29
C ALA B 161 -14.29 -13.37 -23.78
N ARG B 162 -14.41 -12.91 -25.03
CA ARG B 162 -15.69 -12.54 -25.60
C ARG B 162 -16.60 -13.77 -25.69
N ARG B 163 -16.01 -14.92 -26.05
CA ARG B 163 -16.77 -16.15 -26.23
C ARG B 163 -17.34 -16.63 -24.89
N HIS B 164 -16.56 -16.50 -23.81
CA HIS B 164 -16.94 -17.04 -22.52
C HIS B 164 -17.45 -15.96 -21.57
N GLY B 165 -17.56 -14.71 -22.05
CA GLY B 165 -18.05 -13.60 -21.25
C GLY B 165 -17.12 -13.25 -20.08
N LEU B 166 -15.81 -13.27 -20.33
CA LEU B 166 -14.81 -13.06 -19.30
C LEU B 166 -14.26 -11.64 -19.38
N ALA B 167 -13.85 -11.11 -18.22
CA ALA B 167 -13.10 -9.87 -18.13
C ALA B 167 -11.64 -10.12 -18.50
N VAL B 168 -10.98 -9.09 -19.07
CA VAL B 168 -9.57 -9.15 -19.36
C VAL B 168 -8.90 -7.95 -18.69
N ILE B 169 -7.90 -8.23 -17.85
CA ILE B 169 -7.06 -7.20 -17.25
C ILE B 169 -5.62 -7.46 -17.68
N GLU B 170 -5.04 -6.52 -18.44
CA GLU B 170 -3.66 -6.64 -18.86
C GLU B 170 -2.73 -6.29 -17.70
N ASP B 171 -1.76 -7.17 -17.43
CA ASP B 171 -0.66 -6.85 -16.55
C ASP B 171 0.51 -6.35 -17.39
N ALA B 172 0.59 -5.02 -17.51
CA ALA B 172 1.60 -4.36 -18.33
C ALA B 172 2.73 -3.80 -17.47
N ALA B 173 2.94 -4.39 -16.28
CA ALA B 173 3.95 -3.89 -15.34
C ALA B 173 5.32 -3.81 -16.00
N GLN B 174 5.64 -4.80 -16.84
CA GLN B 174 6.97 -4.93 -17.40
C GLN B 174 7.01 -4.43 -18.85
N ALA B 175 5.98 -3.72 -19.32
CA ALA B 175 5.88 -3.41 -20.75
C ALA B 175 5.35 -1.99 -21.02
N PRO B 176 5.78 -0.94 -20.29
CA PRO B 176 5.39 0.42 -20.66
C PRO B 176 5.97 0.78 -22.02
N GLY B 177 5.16 1.46 -22.85
CA GLY B 177 5.58 1.84 -24.19
C GLY B 177 5.39 0.73 -25.24
N ALA B 178 5.14 -0.51 -24.80
CA ALA B 178 4.96 -1.62 -25.74
C ALA B 178 3.64 -1.45 -26.49
N THR B 179 3.57 -2.04 -27.69
CA THR B 179 2.39 -1.92 -28.54
C THR B 179 2.00 -3.29 -29.09
N HIS B 180 0.69 -3.45 -29.33
CA HIS B 180 0.13 -4.65 -29.94
C HIS B 180 -0.75 -4.18 -31.10
N ARG B 181 -0.33 -4.53 -32.33
N ARG B 181 -0.37 -4.54 -32.34
CA ARG B 181 -0.95 -4.03 -33.55
CA ARG B 181 -1.02 -4.02 -33.53
C ARG B 181 -1.05 -2.51 -33.49
C ARG B 181 -1.05 -2.49 -33.49
N GLY B 182 0.05 -1.87 -33.06
CA GLY B 182 0.15 -0.42 -33.01
C GLY B 182 -0.58 0.22 -31.83
N ARG B 183 -1.21 -0.59 -30.96
CA ARG B 183 -2.02 -0.06 -29.88
C ARG B 183 -1.21 -0.12 -28.59
N PRO B 184 -1.18 0.95 -27.77
CA PRO B 184 -0.54 0.90 -26.45
C PRO B 184 -1.10 -0.22 -25.58
N VAL B 185 -0.21 -1.06 -25.04
CA VAL B 185 -0.62 -2.09 -24.09
C VAL B 185 -1.27 -1.41 -22.89
N GLY B 186 -2.24 -2.12 -22.30
CA GLY B 186 -3.01 -1.60 -21.18
C GLY B 186 -4.41 -1.14 -21.59
N GLY B 187 -4.59 -0.81 -22.88
CA GLY B 187 -5.83 -0.22 -23.35
C GLY B 187 -6.67 -1.19 -24.19
N ILE B 188 -6.23 -2.45 -24.28
CA ILE B 188 -6.88 -3.44 -25.12
C ILE B 188 -7.90 -4.23 -24.29
N GLY B 189 -7.51 -4.66 -23.09
CA GLY B 189 -8.43 -5.32 -22.17
C GLY B 189 -9.41 -4.33 -21.55
N ASP B 190 -10.25 -4.84 -20.64
CA ASP B 190 -11.20 -4.01 -19.91
C ASP B 190 -10.45 -2.98 -19.06
N ALA B 191 -9.28 -3.38 -18.57
CA ALA B 191 -8.41 -2.50 -17.81
C ALA B 191 -6.97 -2.98 -17.96
N GLY B 192 -6.02 -2.09 -17.62
CA GLY B 192 -4.61 -2.39 -17.68
C GLY B 192 -3.89 -1.89 -16.42
N ALA B 193 -2.96 -2.70 -15.91
CA ALA B 193 -2.21 -2.38 -14.70
C ALA B 193 -0.74 -2.13 -15.04
N PHE B 194 -0.20 -1.05 -14.48
CA PHE B 194 1.21 -0.71 -14.58
C PHE B 194 1.81 -0.65 -13.17
N SER B 195 3.10 -1.00 -13.07
CA SER B 195 3.88 -0.86 -11.84
C SER B 195 4.97 0.19 -12.04
N LEU B 196 5.15 1.06 -11.05
CA LEU B 196 6.13 2.15 -11.13
C LEU B 196 7.28 1.91 -10.16
N GLN B 197 7.51 0.66 -9.74
CA GLN B 197 8.62 0.32 -8.87
C GLN B 197 9.93 0.86 -9.46
N ALA B 198 10.94 1.02 -8.59
CA ALA B 198 12.21 1.65 -8.95
C ALA B 198 12.97 0.89 -10.02
N THR B 199 12.69 -0.41 -10.18
CA THR B 199 13.40 -1.26 -11.11
C THR B 199 12.78 -1.19 -12.52
N LYS B 200 11.64 -0.50 -12.66
CA LYS B 200 10.82 -0.60 -13.86
C LYS B 200 11.30 0.40 -14.93
N ASN B 201 10.82 0.19 -16.17
CA ASN B 201 11.28 0.93 -17.34
C ASN B 201 10.93 2.41 -17.24
N ILE B 202 9.75 2.71 -16.66
CA ILE B 202 9.43 4.06 -16.23
C ILE B 202 9.27 4.04 -14.72
N PRO B 203 10.35 4.31 -13.95
CA PRO B 203 10.34 4.08 -12.51
C PRO B 203 9.77 5.24 -11.68
N THR B 204 9.46 4.93 -10.42
CA THR B 204 9.31 5.94 -9.38
C THR B 204 10.38 5.67 -8.33
N CYS B 205 10.57 6.64 -7.44
CA CYS B 205 11.52 6.54 -6.35
C CYS B 205 10.89 5.78 -5.19
N GLY B 206 10.64 4.48 -5.41
CA GLY B 206 9.94 3.65 -4.45
C GLY B 206 8.87 2.79 -5.12
N GLU B 207 7.62 2.89 -4.63
CA GLU B 207 6.51 2.09 -5.11
C GLU B 207 5.46 2.99 -5.76
N GLY B 208 4.72 2.42 -6.70
CA GLY B 208 3.60 3.09 -7.34
C GLY B 208 2.89 2.15 -8.31
N GLY B 209 1.62 2.43 -8.59
CA GLY B 209 0.87 1.70 -9.60
C GLY B 209 -0.12 2.60 -10.33
N LEU B 210 -0.52 2.18 -11.53
CA LEU B 210 -1.51 2.88 -12.32
C LEU B 210 -2.49 1.87 -12.88
N LEU B 211 -3.79 2.17 -12.77
CA LEU B 211 -4.84 1.41 -13.41
C LEU B 211 -5.44 2.27 -14.51
N VAL B 212 -5.46 1.73 -15.74
CA VAL B 212 -6.02 2.44 -16.89
C VAL B 212 -7.21 1.65 -17.43
N THR B 213 -8.15 2.38 -18.04
CA THR B 213 -9.38 1.80 -18.56
C THR B 213 -10.07 2.83 -19.45
N GLY B 214 -10.91 2.34 -20.37
CA GLY B 214 -11.79 3.19 -21.15
C GLY B 214 -13.14 3.38 -20.48
N ASN B 215 -13.39 2.61 -19.41
CA ASN B 215 -14.71 2.55 -18.77
C ASN B 215 -14.71 3.47 -17.54
N ALA B 216 -15.58 4.49 -17.58
CA ALA B 216 -15.65 5.50 -16.53
C ALA B 216 -16.08 4.90 -15.19
N GLU B 217 -17.05 3.96 -15.21
CA GLU B 217 -17.56 3.35 -13.99
C GLU B 217 -16.48 2.52 -13.31
N LEU B 218 -15.72 1.76 -14.12
CA LEU B 218 -14.61 0.95 -13.63
C LEU B 218 -13.57 1.83 -12.96
N ALA B 219 -13.24 2.96 -13.59
CA ALA B 219 -12.27 3.90 -13.05
C ALA B 219 -12.75 4.45 -11.70
N GLU B 220 -14.04 4.82 -11.62
CA GLU B 220 -14.62 5.39 -10.40
C GLU B 220 -14.56 4.37 -9.26
N SER B 221 -14.84 3.09 -9.57
N SER B 221 -14.83 3.09 -9.58
CA SER B 221 -14.77 2.02 -8.60
CA SER B 221 -14.77 2.02 -8.59
C SER B 221 -13.38 1.93 -8.00
C SER B 221 -13.37 1.91 -8.00
N VAL B 222 -12.36 1.96 -8.87
CA VAL B 222 -10.96 1.87 -8.45
C VAL B 222 -10.60 3.10 -7.62
N ARG B 223 -11.08 4.27 -8.04
N ARG B 223 -11.09 4.27 -8.03
CA ARG B 223 -10.80 5.54 -7.38
CA ARG B 223 -10.79 5.53 -7.37
C ARG B 223 -11.32 5.49 -5.94
C ARG B 223 -11.34 5.53 -5.94
N ARG B 224 -12.52 4.92 -5.75
CA ARG B 224 -13.11 4.80 -4.42
C ARG B 224 -12.39 3.71 -3.61
N GLY B 225 -12.13 2.58 -4.28
CA GLY B 225 -11.54 1.42 -3.63
C GLY B 225 -10.15 1.70 -3.06
N ARG B 226 -9.42 2.65 -3.65
CA ARG B 226 -8.06 2.94 -3.23
C ARG B 226 -8.03 3.78 -1.95
N GLN B 227 -9.19 4.31 -1.54
CA GLN B 227 -9.28 5.26 -0.44
C GLN B 227 -10.51 4.97 0.44
N PHE B 228 -10.61 3.71 0.90
CA PHE B 228 -11.58 3.27 1.90
C PHE B 228 -13.02 3.42 1.42
N GLY B 229 -13.24 3.50 0.10
CA GLY B 229 -14.57 3.66 -0.47
C GLY B 229 -15.10 5.09 -0.41
N GLU B 230 -14.24 6.06 -0.05
CA GLU B 230 -14.63 7.45 0.08
C GLU B 230 -14.50 8.17 -1.26
N VAL B 231 -15.17 9.33 -1.37
CA VAL B 231 -15.03 10.24 -2.49
C VAL B 231 -14.27 11.47 -2.00
N ILE B 232 -13.05 11.67 -2.52
CA ILE B 232 -12.16 12.73 -2.09
C ILE B 232 -12.14 13.81 -3.18
N GLU B 233 -12.58 15.02 -2.82
CA GLU B 233 -12.81 16.09 -3.79
C GLU B 233 -11.76 17.17 -3.61
N SER B 234 -11.56 17.97 -4.67
CA SER B 234 -10.50 18.96 -4.76
C SER B 234 -10.36 19.75 -3.46
N GLY B 235 -11.42 20.45 -3.07
CA GLY B 235 -11.37 21.32 -1.89
C GLY B 235 -12.65 21.26 -1.05
N ARG B 236 -13.17 20.04 -0.85
CA ARG B 236 -14.30 19.83 0.04
C ARG B 236 -13.79 19.12 1.30
N GLU B 237 -14.42 19.43 2.43
CA GLU B 237 -14.04 18.86 3.73
C GLU B 237 -14.38 17.38 3.74
N ARG B 238 -13.47 16.57 4.30
CA ARG B 238 -13.61 15.13 4.35
C ARG B 238 -14.65 14.74 5.40
N ASP B 239 -15.69 14.03 4.96
CA ASP B 239 -16.80 13.65 5.83
C ASP B 239 -16.69 12.19 6.27
N TYR B 240 -15.75 11.44 5.67
CA TYR B 240 -15.44 10.07 6.04
C TYR B 240 -16.59 9.11 5.69
N VAL B 241 -17.45 9.51 4.74
CA VAL B 241 -18.54 8.66 4.27
C VAL B 241 -18.00 7.70 3.21
N SER B 242 -18.11 6.40 3.49
CA SER B 242 -17.60 5.34 2.62
C SER B 242 -18.78 4.65 1.93
N TYR B 243 -18.59 4.30 0.65
CA TYR B 243 -19.68 3.81 -0.20
C TYR B 243 -19.52 2.33 -0.53
N GLY B 244 -18.54 1.66 0.09
CA GLY B 244 -18.32 0.24 -0.12
C GLY B 244 -16.98 -0.20 0.47
N LEU B 245 -16.59 -1.45 0.18
CA LEU B 245 -15.33 -1.98 0.69
C LEU B 245 -14.17 -1.31 -0.03
N GLY B 246 -13.28 -0.69 0.75
CA GLY B 246 -12.08 -0.06 0.22
C GLY B 246 -10.85 -0.40 1.04
N TRP B 247 -9.69 0.02 0.52
CA TRP B 247 -8.40 -0.15 1.17
C TRP B 247 -7.69 1.21 1.22
N ASN B 248 -6.51 1.24 1.84
CA ASN B 248 -5.57 2.32 1.61
C ASN B 248 -4.58 1.84 0.56
N HIS B 249 -4.88 2.17 -0.70
CA HIS B 249 -4.02 1.88 -1.82
C HIS B 249 -3.67 3.19 -2.55
N LYS B 250 -3.39 4.25 -1.77
CA LYS B 250 -3.07 5.54 -2.34
C LYS B 250 -1.62 5.59 -2.80
N MET B 251 -1.37 6.31 -3.90
CA MET B 251 -0.02 6.61 -4.31
C MET B 251 0.45 7.87 -3.61
N ASN B 252 1.76 7.91 -3.29
CA ASN B 252 2.41 9.08 -2.70
C ASN B 252 2.64 10.14 -3.77
N ALA B 253 2.41 11.41 -3.40
CA ALA B 253 2.58 12.54 -4.30
C ALA B 253 4.03 12.72 -4.72
N LEU B 254 4.99 12.51 -3.79
CA LEU B 254 6.40 12.66 -4.11
C LEU B 254 6.79 11.71 -5.25
N GLN B 255 6.36 10.46 -5.12
CA GLN B 255 6.66 9.43 -6.10
C GLN B 255 6.00 9.76 -7.44
N ALA B 256 4.79 10.34 -7.39
CA ALA B 256 4.07 10.76 -8.59
C ALA B 256 4.84 11.87 -9.32
N ALA B 257 5.31 12.87 -8.56
CA ALA B 257 6.06 13.99 -9.12
C ALA B 257 7.35 13.49 -9.78
N PHE B 258 8.03 12.55 -9.12
CA PHE B 258 9.25 11.95 -9.65
C PHE B 258 8.97 11.27 -11.00
N THR B 259 7.87 10.52 -11.10
CA THR B 259 7.58 9.77 -12.31
C THR B 259 7.21 10.73 -13.44
N SER B 260 6.50 11.82 -13.12
CA SER B 260 6.20 12.85 -14.11
C SER B 260 7.49 13.41 -14.72
N ALA B 261 8.53 13.61 -13.89
CA ALA B 261 9.81 14.09 -14.37
C ALA B 261 10.46 13.06 -15.29
N GLN B 262 10.42 11.79 -14.89
CA GLN B 262 10.96 10.69 -15.67
C GLN B 262 10.28 10.63 -17.05
N LEU B 263 8.98 10.93 -17.11
CA LEU B 263 8.21 10.82 -18.35
C LEU B 263 8.74 11.80 -19.40
N THR B 264 9.27 12.95 -18.95
CA THR B 264 9.77 13.96 -19.86
C THR B 264 11.01 13.47 -20.62
N ARG B 265 11.67 12.41 -20.13
CA ARG B 265 12.82 11.85 -20.81
C ARG B 265 12.53 10.46 -21.38
N PHE B 266 11.28 9.99 -21.26
CA PHE B 266 10.97 8.61 -21.62
C PHE B 266 11.29 8.34 -23.09
N ASP B 267 10.81 9.22 -23.97
CA ASP B 267 10.96 9.01 -25.42
C ASP B 267 12.44 8.86 -25.79
N ASP B 268 13.30 9.70 -25.18
CA ASP B 268 14.73 9.67 -25.44
C ASP B 268 15.36 8.39 -24.88
N TYR B 269 15.01 8.05 -23.63
CA TYR B 269 15.53 6.84 -23.00
C TYR B 269 15.08 5.61 -23.79
N GLU B 270 13.82 5.64 -24.26
CA GLU B 270 13.23 4.53 -24.98
C GLU B 270 13.99 4.30 -26.30
N SER B 271 14.25 5.39 -27.04
CA SER B 271 15.00 5.32 -28.29
C SER B 271 16.35 4.64 -28.08
N ALA B 272 17.06 5.05 -27.02
CA ALA B 272 18.38 4.53 -26.71
C ALA B 272 18.30 3.04 -26.40
N ARG B 273 17.35 2.64 -25.55
CA ARG B 273 17.15 1.24 -25.19
C ARG B 273 16.90 0.39 -26.43
N GLN B 274 16.00 0.85 -27.31
CA GLN B 274 15.62 0.08 -28.48
C GLN B 274 16.84 -0.17 -29.36
N ARG B 275 17.62 0.89 -29.60
CA ARG B 275 18.83 0.83 -30.40
C ARG B 275 19.86 -0.08 -29.73
N ASN B 276 20.11 0.15 -28.43
CA ASN B 276 21.14 -0.58 -27.69
C ASN B 276 20.79 -2.07 -27.63
N VAL B 277 19.53 -2.40 -27.34
CA VAL B 277 19.13 -3.79 -27.18
C VAL B 277 19.22 -4.50 -28.53
N ALA B 278 18.74 -3.83 -29.59
CA ALA B 278 18.76 -4.40 -30.93
C ALA B 278 20.18 -4.79 -31.34
N ALA B 279 21.16 -3.91 -31.07
CA ALA B 279 22.54 -4.16 -31.45
C ALA B 279 23.13 -5.29 -30.62
N PHE B 280 22.77 -5.33 -29.33
CA PHE B 280 23.21 -6.36 -28.41
C PHE B 280 22.71 -7.74 -28.88
N LEU B 281 21.41 -7.84 -29.12
CA LEU B 281 20.80 -9.12 -29.49
C LEU B 281 21.28 -9.59 -30.86
N ALA B 282 21.60 -8.64 -31.76
CA ALA B 282 22.06 -8.99 -33.10
C ALA B 282 23.36 -9.79 -33.03
N ARG B 283 24.24 -9.43 -32.10
CA ARG B 283 25.52 -10.12 -31.94
C ARG B 283 25.32 -11.48 -31.28
N LEU B 284 24.46 -11.53 -30.25
CA LEU B 284 24.21 -12.78 -29.52
C LEU B 284 23.46 -13.79 -30.39
N ALA B 285 22.65 -13.29 -31.34
CA ALA B 285 21.81 -14.15 -32.17
C ALA B 285 22.65 -15.00 -33.13
N GLU B 286 23.91 -14.59 -33.35
CA GLU B 286 24.81 -15.33 -34.22
C GLU B 286 25.43 -16.52 -33.51
N LEU B 287 25.32 -16.57 -32.17
CA LEU B 287 25.95 -17.64 -31.39
C LEU B 287 25.06 -18.88 -31.41
N PRO B 288 25.59 -20.05 -31.82
CA PRO B 288 24.80 -21.28 -31.92
C PRO B 288 24.33 -21.83 -30.56
N GLY B 289 23.02 -22.09 -30.46
CA GLY B 289 22.43 -22.60 -29.24
C GLY B 289 22.04 -21.47 -28.27
N LEU B 290 22.04 -20.24 -28.78
CA LEU B 290 21.59 -19.08 -28.01
C LEU B 290 20.39 -18.47 -28.74
N ARG B 291 19.22 -18.51 -28.08
CA ARG B 291 18.01 -17.92 -28.62
C ARG B 291 17.75 -16.59 -27.92
N VAL B 292 17.92 -15.49 -28.66
CA VAL B 292 17.65 -14.16 -28.13
C VAL B 292 16.14 -13.98 -28.01
N PRO B 293 15.66 -13.15 -27.06
CA PRO B 293 14.24 -12.84 -26.95
C PRO B 293 13.76 -12.03 -28.15
N THR B 294 12.50 -12.20 -28.50
CA THR B 294 11.92 -11.58 -29.67
C THR B 294 10.53 -11.02 -29.33
N ALA B 295 10.17 -9.94 -30.04
CA ALA B 295 8.78 -9.51 -30.11
C ALA B 295 8.04 -10.43 -31.07
N ALA B 296 6.82 -10.82 -30.70
CA ALA B 296 5.94 -11.54 -31.62
C ALA B 296 5.58 -10.63 -32.78
N PRO B 297 5.19 -11.17 -33.95
CA PRO B 297 4.80 -10.33 -35.08
C PRO B 297 3.71 -9.32 -34.73
N ASP B 298 3.81 -8.10 -35.27
N ASP B 298 3.85 -8.10 -35.29
CA ASP B 298 2.82 -7.05 -35.08
CA ASP B 298 2.92 -7.00 -35.12
C ASP B 298 2.76 -6.61 -33.63
C ASP B 298 2.77 -6.65 -33.64
N THR B 299 3.90 -6.68 -32.91
CA THR B 299 4.01 -6.15 -31.57
C THR B 299 5.37 -5.46 -31.44
N THR B 300 5.53 -4.60 -30.42
CA THR B 300 6.82 -4.08 -30.04
C THR B 300 7.10 -4.41 -28.58
N HIS B 301 8.36 -4.77 -28.31
CA HIS B 301 8.85 -5.20 -27.02
C HIS B 301 9.41 -4.00 -26.25
N ALA B 302 9.23 -3.99 -24.91
CA ALA B 302 9.74 -2.94 -24.04
C ALA B 302 11.13 -3.30 -23.50
N TRP B 303 11.50 -4.58 -23.58
CA TRP B 303 12.82 -5.07 -23.20
C TRP B 303 13.09 -4.82 -21.72
N HIS B 304 12.08 -4.99 -20.87
CA HIS B 304 12.29 -4.82 -19.43
C HIS B 304 13.31 -5.83 -18.92
N ILE B 305 13.15 -7.09 -19.31
CA ILE B 305 14.06 -8.16 -18.96
C ILE B 305 14.39 -8.93 -20.25
N LEU B 306 15.66 -9.32 -20.40
CA LEU B 306 16.11 -10.08 -21.56
C LEU B 306 16.33 -11.53 -21.13
N ARG B 307 15.46 -12.44 -21.59
CA ARG B 307 15.59 -13.86 -21.29
C ARG B 307 16.09 -14.60 -22.52
N PHE B 308 17.14 -15.41 -22.30
CA PHE B 308 17.82 -16.17 -23.32
C PHE B 308 17.67 -17.66 -23.01
N ARG B 309 17.34 -18.47 -24.03
CA ARG B 309 17.30 -19.92 -23.88
C ARG B 309 18.55 -20.52 -24.52
N PHE B 310 19.10 -21.55 -23.87
CA PHE B 310 20.35 -22.16 -24.30
C PHE B 310 20.12 -23.63 -24.62
N ASP B 311 20.51 -24.05 -25.84
CA ASP B 311 20.31 -25.40 -26.31
C ASP B 311 21.58 -26.22 -26.13
N PRO B 312 21.56 -27.28 -25.28
CA PRO B 312 22.73 -28.14 -25.10
C PRO B 312 23.24 -28.81 -26.39
N ALA B 313 22.33 -29.04 -27.35
CA ALA B 313 22.68 -29.65 -28.62
C ALA B 313 23.82 -28.89 -29.31
N ALA B 314 23.84 -27.56 -29.16
CA ALA B 314 24.80 -26.71 -29.84
C ALA B 314 26.20 -26.87 -29.27
N PHE B 315 26.32 -27.43 -28.06
CA PHE B 315 27.61 -27.73 -27.45
C PHE B 315 27.85 -29.24 -27.44
N GLY B 316 27.14 -29.96 -28.32
CA GLY B 316 27.26 -31.41 -28.40
C GLY B 316 26.95 -32.10 -27.08
N LEU B 317 26.07 -31.49 -26.28
CA LEU B 317 25.75 -31.99 -24.95
C LEU B 317 24.43 -32.74 -24.99
N ASP B 318 24.36 -33.78 -25.83
CA ASP B 318 23.20 -34.64 -25.90
C ASP B 318 23.14 -35.49 -24.64
N GLY B 319 21.94 -35.59 -24.04
CA GLY B 319 21.71 -36.45 -22.89
C GLY B 319 22.23 -35.88 -21.58
N VAL B 320 22.46 -34.56 -21.52
CA VAL B 320 22.79 -33.89 -20.27
C VAL B 320 21.74 -32.80 -20.03
N ARG B 321 21.42 -32.58 -18.75
CA ARG B 321 20.32 -31.71 -18.37
C ARG B 321 20.62 -30.28 -18.82
N PRO B 322 19.59 -29.54 -19.31
CA PRO B 322 19.74 -28.12 -19.64
C PRO B 322 20.22 -27.26 -18.47
N GLN B 323 19.83 -27.65 -17.24
CA GLN B 323 20.20 -26.92 -16.03
C GLN B 323 21.72 -26.91 -15.85
N ALA B 324 22.38 -27.99 -16.27
CA ALA B 324 23.83 -28.10 -16.15
C ALA B 324 24.52 -27.08 -17.06
N LEU B 325 24.00 -26.90 -18.27
CA LEU B 325 24.52 -25.90 -19.20
C LEU B 325 24.22 -24.50 -18.68
N ARG B 326 23.00 -24.31 -18.15
CA ARG B 326 22.57 -23.04 -17.58
C ARG B 326 23.56 -22.58 -16.50
N SER B 327 23.93 -23.51 -15.61
CA SER B 327 24.85 -23.23 -14.52
C SER B 327 26.24 -22.88 -15.06
N ALA B 328 26.73 -23.68 -16.00
CA ALA B 328 28.05 -23.49 -16.58
C ALA B 328 28.16 -22.11 -17.22
N LEU B 329 27.15 -21.74 -18.01
CA LEU B 329 27.15 -20.46 -18.72
C LEU B 329 27.05 -19.30 -17.73
N ARG B 330 26.25 -19.49 -16.67
CA ARG B 330 26.08 -18.46 -15.65
C ARG B 330 27.43 -18.18 -14.98
N ARG B 331 28.14 -19.25 -14.60
CA ARG B 331 29.43 -19.12 -13.93
C ARG B 331 30.41 -18.38 -14.84
N LEU B 332 30.51 -18.84 -16.10
CA LEU B 332 31.49 -18.29 -17.04
C LEU B 332 31.19 -16.83 -17.34
N LEU B 333 29.92 -16.52 -17.67
CA LEU B 333 29.54 -15.17 -18.06
C LEU B 333 29.70 -14.20 -16.89
N ARG B 334 29.34 -14.64 -15.68
CA ARG B 334 29.46 -13.79 -14.50
C ARG B 334 30.94 -13.45 -14.24
N ALA B 335 31.83 -14.42 -14.46
CA ALA B 335 33.25 -14.22 -14.25
C ALA B 335 33.80 -13.16 -15.21
N GLU B 336 33.23 -13.08 -16.42
CA GLU B 336 33.63 -12.08 -17.41
C GLU B 336 33.04 -10.71 -17.06
N GLY B 337 32.08 -10.69 -16.13
CA GLY B 337 31.51 -9.44 -15.63
C GLY B 337 30.10 -9.17 -16.15
N VAL B 338 29.44 -10.20 -16.71
CA VAL B 338 28.06 -10.06 -17.15
C VAL B 338 27.16 -10.62 -16.05
N PRO B 339 26.27 -9.79 -15.45
CA PRO B 339 25.50 -10.20 -14.28
C PRO B 339 24.26 -11.02 -14.66
N MET B 340 24.49 -12.19 -15.26
CA MET B 340 23.42 -13.06 -15.71
C MET B 340 22.76 -13.68 -14.49
N SER B 341 21.42 -13.71 -14.51
CA SER B 341 20.61 -14.16 -13.39
C SER B 341 19.53 -15.10 -13.89
N GLN B 342 18.84 -15.77 -12.96
CA GLN B 342 17.53 -16.33 -13.23
C GLN B 342 16.47 -15.30 -12.81
N TYR B 343 15.28 -15.43 -13.40
CA TYR B 343 14.13 -14.64 -12.98
C TYR B 343 12.94 -15.59 -12.83
N GLN B 344 12.65 -15.95 -11.58
CA GLN B 344 11.73 -17.03 -11.21
C GLN B 344 12.47 -18.37 -11.28
N LEU B 345 12.51 -19.08 -10.14
CA LEU B 345 13.18 -20.37 -10.04
C LEU B 345 12.20 -21.50 -10.30
N MET B 346 10.90 -21.20 -10.24
CA MET B 346 9.86 -22.21 -10.37
C MET B 346 8.63 -21.55 -11.00
N PRO B 347 7.76 -22.32 -11.68
CA PRO B 347 6.45 -21.82 -12.07
C PRO B 347 5.66 -21.46 -10.81
N LEU B 348 4.74 -20.51 -10.91
CA LEU B 348 3.99 -20.03 -9.77
C LEU B 348 3.23 -21.17 -9.07
N PRO B 349 2.64 -22.16 -9.80
CA PRO B 349 1.97 -23.29 -9.14
C PRO B 349 2.80 -24.05 -8.11
N ASP B 350 4.13 -23.95 -8.19
CA ASP B 350 5.02 -24.62 -7.25
C ASP B 350 5.21 -23.79 -5.98
N GLN B 351 4.81 -22.51 -5.98
CA GLN B 351 5.00 -21.66 -4.82
C GLN B 351 4.11 -22.18 -3.68
N LYS B 352 4.65 -22.13 -2.45
CA LYS B 352 4.02 -22.68 -1.27
C LYS B 352 2.58 -22.19 -1.12
N VAL B 353 2.33 -20.90 -1.39
CA VAL B 353 1.01 -20.31 -1.18
C VAL B 353 -0.04 -21.02 -2.04
N PHE B 354 0.35 -21.44 -3.26
CA PHE B 354 -0.56 -22.04 -4.20
C PHE B 354 -0.61 -23.56 -4.06
N VAL B 355 0.40 -24.15 -3.40
CA VAL B 355 0.43 -25.57 -3.12
C VAL B 355 -0.39 -25.86 -1.86
N ASP B 356 -0.13 -25.11 -0.78
CA ASP B 356 -0.76 -25.34 0.50
C ASP B 356 -2.23 -24.95 0.47
N ARG B 357 -2.55 -23.85 -0.25
CA ARG B 357 -3.92 -23.39 -0.42
C ARG B 357 -4.58 -23.14 0.94
N VAL B 358 -3.85 -22.49 1.85
CA VAL B 358 -4.39 -22.07 3.15
C VAL B 358 -4.99 -20.68 3.00
N GLY B 359 -4.30 -19.81 2.25
CA GLY B 359 -4.77 -18.46 1.97
C GLY B 359 -4.87 -17.62 3.25
N PHE B 360 -6.02 -16.96 3.41
CA PHE B 360 -6.28 -16.12 4.57
C PHE B 360 -6.43 -16.98 5.83
N GLY B 361 -6.70 -18.28 5.63
CA GLY B 361 -7.00 -19.20 6.71
C GLY B 361 -8.17 -20.09 6.31
N GLY B 362 -8.17 -21.33 6.80
CA GLY B 362 -9.26 -22.27 6.54
C GLY B 362 -9.42 -22.61 5.06
N GLY B 363 -8.39 -22.34 4.26
CA GLY B 363 -8.37 -22.68 2.84
C GLY B 363 -9.00 -21.62 1.92
N TYR B 364 -9.48 -20.50 2.48
CA TYR B 364 -10.09 -19.46 1.69
C TYR B 364 -8.99 -18.69 0.96
N PRO B 365 -9.12 -18.38 -0.36
CA PRO B 365 -10.37 -18.49 -1.10
C PRO B 365 -10.79 -19.82 -1.75
N TRP B 366 -9.92 -20.83 -1.70
CA TRP B 366 -10.14 -22.09 -2.39
C TRP B 366 -11.34 -22.84 -1.82
N THR B 367 -11.60 -22.66 -0.52
CA THR B 367 -12.68 -23.34 0.17
C THR B 367 -14.03 -23.06 -0.51
N VAL B 368 -14.20 -21.86 -1.07
CA VAL B 368 -15.47 -21.46 -1.68
C VAL B 368 -15.79 -22.37 -2.87
N THR B 369 -14.77 -22.67 -3.70
CA THR B 369 -14.96 -23.44 -4.93
C THR B 369 -14.79 -24.94 -4.67
N GLY B 370 -14.30 -25.29 -3.48
CA GLY B 370 -13.99 -26.67 -3.15
C GLY B 370 -12.73 -27.17 -3.87
N ALA B 371 -11.77 -26.25 -4.08
CA ALA B 371 -10.51 -26.56 -4.75
C ALA B 371 -9.39 -26.65 -3.71
N THR B 372 -9.67 -27.29 -2.58
CA THR B 372 -8.72 -27.42 -1.48
C THR B 372 -7.77 -28.58 -1.75
N GLY B 373 -8.29 -29.63 -2.43
CA GLY B 373 -7.49 -30.79 -2.78
C GLY B 373 -6.44 -30.49 -3.84
N PRO B 374 -5.91 -31.50 -4.56
CA PRO B 374 -4.84 -31.28 -5.55
C PRO B 374 -5.30 -30.43 -6.74
N ALA B 375 -4.34 -29.71 -7.34
CA ALA B 375 -4.63 -28.75 -8.39
C ALA B 375 -5.26 -29.46 -9.58
N ALA B 376 -6.35 -28.88 -10.11
CA ALA B 376 -7.06 -29.45 -11.25
C ALA B 376 -6.28 -29.17 -12.53
N GLY B 377 -6.37 -30.09 -13.49
CA GLY B 377 -5.81 -29.90 -14.82
C GLY B 377 -4.36 -30.38 -14.92
N GLU B 378 -3.70 -29.99 -16.00
CA GLU B 378 -2.39 -30.52 -16.36
C GLU B 378 -1.28 -29.75 -15.63
N ASP B 379 -0.08 -30.35 -15.69
CA ASP B 379 1.17 -29.71 -15.32
C ASP B 379 1.46 -28.56 -16.28
N HIS B 380 2.62 -27.91 -16.12
CA HIS B 380 3.01 -26.78 -16.94
C HIS B 380 4.41 -27.02 -17.50
N PRO B 381 4.58 -27.94 -18.47
CA PRO B 381 5.90 -28.34 -18.95
C PRO B 381 6.70 -27.26 -19.67
N VAL B 382 6.02 -26.31 -20.31
CA VAL B 382 6.70 -25.26 -21.06
C VAL B 382 7.36 -24.30 -20.07
N ALA B 383 6.60 -23.86 -19.05
CA ALA B 383 7.14 -22.99 -18.02
C ALA B 383 8.39 -23.62 -17.39
N ARG B 384 8.31 -24.92 -17.08
CA ARG B 384 9.41 -25.63 -16.43
C ARG B 384 10.61 -25.72 -17.37
N ALA B 385 10.35 -26.01 -18.66
CA ALA B 385 11.41 -26.12 -19.66
C ALA B 385 12.12 -24.78 -19.83
N VAL B 386 11.35 -23.68 -19.90
CA VAL B 386 11.91 -22.36 -20.07
C VAL B 386 12.82 -22.04 -18.89
N ILE B 387 12.36 -22.32 -17.67
CA ILE B 387 13.16 -22.05 -16.47
C ILE B 387 14.43 -22.90 -16.51
N ALA B 388 14.32 -24.14 -16.98
CA ALA B 388 15.43 -25.10 -16.94
C ALA B 388 16.63 -24.62 -17.76
N ASP B 389 16.40 -23.89 -18.87
CA ASP B 389 17.47 -23.66 -19.83
C ASP B 389 17.70 -22.16 -20.10
N SER B 390 17.22 -21.27 -19.21
CA SER B 390 17.26 -19.85 -19.50
C SER B 390 17.99 -19.06 -18.42
N LEU B 391 18.64 -17.97 -18.85
CA LEU B 391 19.18 -16.95 -17.97
C LEU B 391 18.66 -15.59 -18.45
N THR B 392 18.72 -14.60 -17.56
CA THR B 392 18.18 -13.28 -17.85
C THR B 392 19.23 -12.20 -17.57
N LEU B 393 19.13 -11.09 -18.30
CA LEU B 393 19.78 -9.85 -17.92
C LEU B 393 18.70 -8.87 -17.45
N GLN B 394 18.93 -8.30 -16.26
CA GLN B 394 18.03 -7.34 -15.65
C GLN B 394 18.77 -6.01 -15.42
N LYS B 395 18.05 -4.90 -15.63
CA LYS B 395 18.41 -3.57 -15.17
C LYS B 395 19.44 -2.88 -16.08
N ARG B 396 20.61 -3.50 -16.29
CA ARG B 396 21.77 -2.80 -16.83
C ARG B 396 21.49 -2.22 -18.22
N HIS B 397 20.68 -2.94 -19.00
CA HIS B 397 20.37 -2.56 -20.38
C HIS B 397 19.31 -1.45 -20.46
N LEU B 398 18.74 -1.00 -19.33
CA LEU B 398 17.65 -0.03 -19.35
C LEU B 398 18.17 1.40 -19.44
N HIS B 399 19.43 1.62 -19.04
CA HIS B 399 20.03 2.94 -18.96
C HIS B 399 20.38 3.42 -20.37
N PRO B 400 20.05 4.67 -20.76
CA PRO B 400 20.29 5.14 -22.13
C PRO B 400 21.75 5.18 -22.57
N GLU B 401 22.69 5.14 -21.62
CA GLU B 401 24.12 5.22 -21.91
C GLU B 401 24.80 3.86 -21.74
N SER B 402 24.01 2.76 -21.76
CA SER B 402 24.55 1.43 -21.55
C SER B 402 25.08 0.80 -22.83
N GLY B 403 25.11 1.55 -23.94
CA GLY B 403 25.57 1.04 -25.22
C GLY B 403 26.94 0.36 -25.14
N GLU B 404 27.92 1.03 -24.53
CA GLU B 404 29.28 0.53 -24.45
C GLU B 404 29.33 -0.72 -23.56
N LEU B 405 28.55 -0.70 -22.46
CA LEU B 405 28.50 -1.83 -21.55
C LEU B 405 27.96 -3.07 -22.27
N LEU B 406 26.89 -2.91 -23.05
CA LEU B 406 26.29 -4.03 -23.77
C LEU B 406 27.25 -4.54 -24.84
N HIS B 407 28.07 -3.64 -25.40
CA HIS B 407 29.11 -4.02 -26.34
C HIS B 407 30.08 -4.99 -25.65
N LEU B 408 30.48 -4.66 -24.42
CA LEU B 408 31.38 -5.49 -23.63
C LEU B 408 30.69 -6.80 -23.25
N TYR B 409 29.38 -6.76 -22.97
CA TYR B 409 28.63 -7.97 -22.69
C TYR B 409 28.71 -8.92 -23.89
N ALA B 410 28.51 -8.38 -25.09
CA ALA B 410 28.56 -9.16 -26.31
C ALA B 410 29.96 -9.75 -26.51
N ASP B 411 31.00 -8.97 -26.18
CA ASP B 411 32.37 -9.44 -26.19
C ASP B 411 32.48 -10.69 -25.31
N ALA B 412 31.85 -10.62 -24.12
CA ALA B 412 31.93 -11.69 -23.12
C ALA B 412 31.23 -12.95 -23.63
N PHE B 413 30.05 -12.78 -24.24
CA PHE B 413 29.31 -13.92 -24.79
C PHE B 413 30.14 -14.57 -25.89
N GLU B 414 30.62 -13.76 -26.84
CA GLU B 414 31.42 -14.27 -27.95
C GLU B 414 32.65 -15.00 -27.42
N LYS B 415 33.23 -14.49 -26.33
CA LYS B 415 34.40 -15.08 -25.71
C LYS B 415 34.08 -16.45 -25.11
N VAL B 416 32.94 -16.54 -24.41
CA VAL B 416 32.52 -17.81 -23.82
C VAL B 416 32.25 -18.83 -24.93
N TRP B 417 31.62 -18.39 -26.02
CA TRP B 417 31.29 -19.28 -27.13
C TRP B 417 32.53 -19.72 -27.90
N ALA B 418 33.63 -18.96 -27.79
CA ALA B 418 34.89 -19.35 -28.41
C ALA B 418 35.57 -20.47 -27.63
N ASN B 419 35.04 -20.82 -26.44
CA ASN B 419 35.59 -21.91 -25.64
C ASN B 419 34.51 -22.97 -25.42
N PRO B 420 33.99 -23.62 -26.50
CA PRO B 420 32.90 -24.59 -26.34
C PRO B 420 33.30 -25.86 -25.57
N ASP B 421 34.59 -26.21 -25.62
CA ASP B 421 35.09 -27.39 -24.94
C ASP B 421 35.00 -27.20 -23.42
N MET B 422 35.31 -25.99 -22.95
CA MET B 422 35.27 -25.70 -21.53
C MET B 422 33.83 -25.65 -21.02
N VAL B 423 32.93 -25.08 -21.83
CA VAL B 423 31.51 -25.04 -21.48
C VAL B 423 31.02 -26.47 -21.25
N ALA B 424 31.37 -27.38 -22.18
CA ALA B 424 30.92 -28.77 -22.12
C ALA B 424 31.51 -29.46 -20.89
N THR B 425 32.76 -29.13 -20.55
CA THR B 425 33.43 -29.73 -19.40
C THR B 425 32.72 -29.31 -18.12
N LEU B 426 32.45 -28.00 -17.97
CA LEU B 426 31.79 -27.46 -16.79
C LEU B 426 30.37 -28.01 -16.69
N ALA B 427 29.68 -28.13 -17.82
CA ALA B 427 28.32 -28.64 -17.86
C ALA B 427 28.31 -30.15 -17.60
N GLY B 428 29.34 -30.85 -18.09
CA GLY B 428 29.48 -32.27 -17.88
C GLY B 428 29.70 -32.63 -16.41
N ALA B 429 30.41 -31.76 -15.68
CA ALA B 429 30.67 -31.95 -14.26
C ALA B 429 29.42 -31.62 -13.45
N ALA B 430 28.79 -30.47 -13.76
CA ALA B 430 27.57 -30.05 -13.09
C ALA B 430 26.38 -30.85 -13.66
#